data_7M06
#
_entry.id   7M06
#
_cell.length_a   72.030
_cell.length_b   84.290
_cell.length_c   200.940
_cell.angle_alpha   90.000
_cell.angle_beta   90.000
_cell.angle_gamma   90.000
#
_symmetry.space_group_name_H-M   'P 21 21 21'
#
loop_
_entity.id
_entity.type
_entity.pdbx_description
1 polymer '4-hydroxy-tetrahydrodipicolinate synthase'
2 non-polymer 'MAGNESIUM ION'
3 non-polymer 'TRIETHYLENE GLYCOL'
4 non-polymer '(2R,5R)-2,5-diamino-2,5-bis(4-aminobutyl)hexanedioic acid'
5 non-polymer DI(HYDROXYETHYL)ETHER
6 non-polymer 1,2-ETHANEDIOL
7 water water
#
_entity_poly.entity_id   1
_entity_poly.type   'polypeptide(L)'
_entity_poly.pdbx_seq_one_letter_code
;MRGSHHHHHHGSMDKNIIIGAMTALITPFKNGKVDEQSYARLIKRQIENGIDAVVPVGTTGESATLTHEEHRTCIEIAVE
TCKGTKVKVLAGAGSNATHEAVGLAKFAKEHGADGILSVAPFYNKPTQQGLYEHYKAIAQSVDIPVLLYNVPGRTGCEIS
TDTIIKLFRDCENIYGVKEASGNIDKCVDLLAHEPRMMLISGEDAINYPILSNGGKGVISVTSNLLPDMISALTHFALDE
NYKEAKKINDELYNINKILFCESNPIPIKTAMYLAGLIESLEFRLPLCSPSKENFAKIEEVMKKYKIKGF
;
_entity_poly.pdbx_strand_id   A,B,C,D
#
loop_
_chem_comp.id
_chem_comp.type
_chem_comp.name
_chem_comp.formula
3VN non-polymer '(2R,5R)-2,5-diamino-2,5-bis(4-aminobutyl)hexanedioic acid' 'C14 H30 N4 O4'
EDO non-polymer 1,2-ETHANEDIOL 'C2 H6 O2'
MG non-polymer 'MAGNESIUM ION' 'Mg 2'
PEG non-polymer DI(HYDROXYETHYL)ETHER 'C4 H10 O3'
PGE non-polymer 'TRIETHYLENE GLYCOL' 'C6 H14 O4'
#
# COMPACT_ATOMS: atom_id res chain seq x y z
N LYS A 15 -10.74 33.14 15.48
CA LYS A 15 -9.52 32.87 14.72
C LYS A 15 -9.40 33.74 13.46
N ASN A 16 -8.16 34.11 13.11
CA ASN A 16 -7.85 34.71 11.83
C ASN A 16 -7.62 33.61 10.81
N ILE A 17 -8.23 33.72 9.64
CA ILE A 17 -8.18 32.62 8.69
C ILE A 17 -7.64 33.13 7.35
N ILE A 18 -7.11 32.20 6.57
CA ILE A 18 -6.65 32.48 5.21
C ILE A 18 -7.22 31.37 4.32
N ILE A 19 -8.23 31.71 3.51
CA ILE A 19 -9.01 30.73 2.76
C ILE A 19 -9.20 31.23 1.33
N GLY A 20 -9.96 30.48 0.54
CA GLY A 20 -10.20 30.82 -0.85
C GLY A 20 -9.24 30.15 -1.80
N ALA A 21 -9.12 30.74 -2.99
CA ALA A 21 -8.24 30.22 -4.02
C ALA A 21 -6.82 30.70 -3.77
N MET A 22 -5.90 29.77 -3.52
CA MET A 22 -4.51 30.10 -3.20
C MET A 22 -3.56 29.34 -4.12
N THR A 23 -2.37 29.91 -4.34
CA THR A 23 -1.45 29.36 -5.32
C THR A 23 -0.14 28.95 -4.66
N ALA A 24 0.28 27.72 -4.90
CA ALA A 24 1.59 27.24 -4.46
C ALA A 24 2.62 27.69 -5.49
N LEU A 25 3.28 28.81 -5.21
CA LEU A 25 4.13 29.47 -6.20
C LEU A 25 5.35 28.65 -6.60
N ILE A 26 5.64 28.63 -7.89
CA ILE A 26 6.92 28.09 -8.34
C ILE A 26 8.02 29.14 -8.13
N THR A 27 9.26 28.66 -8.06
CA THR A 27 10.39 29.57 -7.90
C THR A 27 11.24 29.59 -9.17
N PRO A 28 11.15 30.64 -9.99
CA PRO A 28 11.90 30.65 -11.25
C PRO A 28 13.38 30.92 -10.99
N PHE A 29 14.23 30.08 -11.57
CA PHE A 29 15.67 30.26 -11.51
C PHE A 29 16.15 30.79 -12.84
N LYS A 30 17.20 31.62 -12.79
CA LYS A 30 17.92 32.04 -13.98
C LYS A 30 19.40 31.98 -13.66
N ASN A 31 20.13 31.18 -14.44
CA ASN A 31 21.53 30.92 -14.20
C ASN A 31 21.80 30.60 -12.73
N GLY A 32 20.98 29.69 -12.20
CA GLY A 32 21.13 29.12 -10.87
C GLY A 32 20.75 29.98 -9.70
N LYS A 33 20.40 31.25 -9.90
CA LYS A 33 19.97 32.13 -8.83
C LYS A 33 18.49 32.47 -9.06
N VAL A 34 17.83 32.95 -8.05
CA VAL A 34 16.44 33.26 -8.20
C VAL A 34 16.19 34.49 -9.04
N ASP A 35 15.39 34.33 -10.08
CA ASP A 35 15.02 35.41 -10.97
C ASP A 35 14.02 36.26 -10.26
N GLU A 36 14.44 37.25 -9.51
CA GLU A 36 13.48 38.05 -8.76
C GLU A 36 12.42 38.84 -9.51
N GLN A 37 12.77 39.42 -10.63
CA GLN A 37 11.82 40.21 -11.37
C GLN A 37 10.65 39.38 -11.84
N SER A 38 10.94 38.23 -12.43
CA SER A 38 9.94 37.29 -12.88
C SER A 38 9.07 36.79 -11.72
N TYR A 39 9.69 36.60 -10.55
CA TYR A 39 8.92 36.15 -9.37
C TYR A 39 7.88 37.19 -8.97
N ALA A 40 8.24 38.47 -9.03
CA ALA A 40 7.29 39.54 -8.77
C ALA A 40 6.23 39.59 -9.86
N ARG A 41 6.61 39.25 -11.09
CA ARG A 41 5.68 39.36 -12.19
C ARG A 41 4.72 38.18 -12.24
N LEU A 42 5.14 37.03 -11.73
CA LEU A 42 4.21 35.90 -11.64
C LEU A 42 3.21 36.08 -10.52
N ILE A 43 3.59 36.75 -9.45
CA ILE A 43 2.66 36.97 -8.33
C ILE A 43 1.57 37.96 -8.72
N LYS A 44 1.92 39.05 -9.41
CA LYS A 44 0.87 39.98 -9.84
C LYS A 44 -0.03 39.33 -10.88
N ARG A 45 0.50 38.42 -11.70
CA ARG A 45 -0.37 37.70 -12.62
C ARG A 45 -1.41 36.89 -11.87
N GLN A 46 -1.00 36.22 -10.79
CA GLN A 46 -1.96 35.52 -9.94
C GLN A 46 -2.99 36.50 -9.36
N ILE A 47 -2.52 37.67 -8.88
CA ILE A 47 -3.42 38.66 -8.29
C ILE A 47 -4.49 39.08 -9.27
N GLU A 48 -4.08 39.41 -10.49
CA GLU A 48 -5.00 39.93 -11.49
C GLU A 48 -5.98 38.88 -11.99
N ASN A 49 -5.86 37.63 -11.52
CA ASN A 49 -6.72 36.55 -11.98
C ASN A 49 -7.54 35.95 -10.85
N GLY A 50 -7.80 36.72 -9.80
CA GLY A 50 -8.74 36.33 -8.78
C GLY A 50 -8.22 35.44 -7.68
N ILE A 51 -6.91 35.31 -7.53
CA ILE A 51 -6.34 34.47 -6.49
C ILE A 51 -6.41 35.23 -5.17
N ASP A 52 -6.78 34.51 -4.10
CA ASP A 52 -6.94 35.13 -2.79
C ASP A 52 -5.66 35.16 -1.96
N ALA A 53 -4.75 34.24 -2.17
CA ALA A 53 -3.52 34.21 -1.40
C ALA A 53 -2.46 33.45 -2.18
N VAL A 54 -1.19 33.74 -1.88
CA VAL A 54 -0.07 33.04 -2.49
C VAL A 54 0.78 32.39 -1.41
N VAL A 55 1.33 31.23 -1.75
CA VAL A 55 2.22 30.47 -0.86
C VAL A 55 3.62 30.49 -1.47
N PRO A 56 4.50 31.40 -1.02
CA PRO A 56 5.89 31.37 -1.46
C PRO A 56 6.70 30.28 -0.74
N VAL A 57 7.70 29.77 -1.45
CA VAL A 57 8.73 28.82 -0.97
C VAL A 57 8.15 27.66 -0.16
N GLY A 58 7.13 27.01 -0.71
CA GLY A 58 6.65 25.74 -0.22
C GLY A 58 7.23 24.60 -1.04
N THR A 59 6.54 23.45 -1.01
CA THR A 59 6.99 22.30 -1.77
C THR A 59 7.11 22.64 -3.25
N THR A 60 6.07 23.25 -3.81
CA THR A 60 6.10 23.61 -5.23
C THR A 60 7.16 24.68 -5.50
N GLY A 61 7.51 25.48 -4.51
CA GLY A 61 8.58 26.45 -4.65
C GLY A 61 9.97 25.91 -4.40
N GLU A 62 10.13 24.59 -4.29
CA GLU A 62 11.42 23.93 -4.08
C GLU A 62 12.06 24.36 -2.77
N SER A 63 11.28 24.31 -1.69
CA SER A 63 11.75 24.77 -0.38
C SER A 63 13.00 24.03 0.07
N ALA A 64 13.15 22.76 -0.30
CA ALA A 64 14.29 21.97 0.16
C ALA A 64 15.62 22.43 -0.44
N THR A 65 15.60 22.98 -1.66
CA THR A 65 16.85 23.33 -2.36
C THR A 65 17.15 24.82 -2.34
N LEU A 66 16.39 25.61 -1.59
CA LEU A 66 16.63 27.03 -1.45
C LEU A 66 17.59 27.32 -0.31
N THR A 67 18.48 28.28 -0.53
CA THR A 67 19.28 28.79 0.57
C THR A 67 18.40 29.57 1.52
N HIS A 68 18.92 29.96 2.67
CA HIS A 68 18.12 30.68 3.64
C HIS A 68 17.80 32.12 3.28
N GLU A 69 18.47 32.65 2.29
CA GLU A 69 18.19 34.00 1.88
C GLU A 69 17.14 33.97 0.81
N GLU A 70 17.20 32.97 -0.04
CA GLU A 70 16.19 32.80 -1.07
C GLU A 70 14.81 32.68 -0.38
N HIS A 71 14.68 31.83 0.61
CA HIS A 71 13.51 31.83 1.46
C HIS A 71 13.07 33.26 1.81
N ARG A 72 14.01 34.05 2.36
CA ARG A 72 13.71 35.40 2.83
C ARG A 72 13.23 36.32 1.71
N THR A 73 14.04 36.48 0.67
CA THR A 73 13.70 37.42 -0.38
C THR A 73 12.43 36.99 -1.13
N CYS A 74 12.14 35.69 -1.21
CA CYS A 74 10.93 35.27 -1.92
C CYS A 74 9.69 35.63 -1.13
N ILE A 75 9.77 35.52 0.20
CA ILE A 75 8.69 35.99 1.05
C ILE A 75 8.60 37.50 0.99
N GLU A 76 9.74 38.19 0.99
CA GLU A 76 9.71 39.65 0.96
C GLU A 76 9.13 40.17 -0.35
N ILE A 77 9.50 39.58 -1.49
CA ILE A 77 8.92 40.02 -2.75
C ILE A 77 7.42 39.76 -2.76
N ALA A 78 7.02 38.55 -2.34
CA ALA A 78 5.61 38.21 -2.30
C ALA A 78 4.83 39.16 -1.40
N VAL A 79 5.34 39.37 -0.19
CA VAL A 79 4.65 40.22 0.77
C VAL A 79 4.55 41.61 0.22
N GLU A 80 5.55 42.07 -0.50
CA GLU A 80 5.55 43.42 -1.02
C GLU A 80 4.71 43.58 -2.28
N THR A 81 4.71 42.59 -3.15
CA THR A 81 3.89 42.70 -4.33
C THR A 81 2.43 42.63 -3.96
N CYS A 82 2.12 42.03 -2.83
CA CYS A 82 0.72 41.88 -2.42
C CYS A 82 0.18 43.08 -1.66
N LYS A 83 1.03 43.99 -1.18
CA LYS A 83 0.54 45.10 -0.38
C LYS A 83 -0.26 46.06 -1.24
N GLY A 84 -1.42 46.48 -0.74
CA GLY A 84 -2.39 47.25 -1.47
C GLY A 84 -3.42 46.45 -2.25
N THR A 85 -3.43 45.13 -2.06
CA THR A 85 -4.42 44.21 -2.58
C THR A 85 -4.94 43.47 -1.37
N LYS A 86 -5.99 42.66 -1.57
CA LYS A 86 -6.45 41.85 -0.45
C LYS A 86 -5.75 40.50 -0.43
N VAL A 87 -4.80 40.30 -1.32
CA VAL A 87 -4.17 39.00 -1.46
C VAL A 87 -3.21 38.81 -0.29
N LYS A 88 -3.40 37.70 0.42
CA LYS A 88 -2.60 37.42 1.59
C LYS A 88 -1.41 36.55 1.23
N VAL A 89 -0.39 36.60 2.08
CA VAL A 89 0.82 35.79 1.89
C VAL A 89 0.86 34.74 3.00
N LEU A 90 0.66 33.47 2.63
CA LEU A 90 0.77 32.34 3.55
C LEU A 90 2.12 31.67 3.31
N ALA A 91 3.12 32.03 4.11
CA ALA A 91 4.48 31.59 3.85
C ALA A 91 4.73 30.17 4.33
N GLY A 92 5.47 29.40 3.53
CA GLY A 92 5.92 28.09 3.98
C GLY A 92 6.99 28.25 5.05
N ALA A 93 6.83 27.52 6.17
CA ALA A 93 7.73 27.63 7.31
C ALA A 93 7.88 26.32 8.07
N GLY A 94 7.64 25.18 7.42
CA GLY A 94 7.72 23.91 8.09
C GLY A 94 9.15 23.36 8.16
N SER A 95 9.32 22.40 9.05
CA SER A 95 10.59 21.69 9.18
C SER A 95 10.33 20.44 9.99
N ASN A 96 11.23 19.46 9.83
CA ASN A 96 11.13 18.23 10.63
C ASN A 96 11.88 18.34 11.95
N ALA A 97 12.42 19.51 12.27
CA ALA A 97 13.01 19.77 13.58
C ALA A 97 12.21 20.89 14.22
N THR A 98 11.66 20.63 15.42
CA THR A 98 10.72 21.57 16.02
C THR A 98 11.36 22.93 16.27
N HIS A 99 12.58 22.95 16.79
CA HIS A 99 13.29 24.20 17.04
C HIS A 99 13.42 25.00 15.76
N GLU A 100 13.70 24.35 14.64
CA GLU A 100 13.84 25.06 13.38
C GLU A 100 12.50 25.57 12.90
N ALA A 101 11.45 24.76 13.01
CA ALA A 101 10.14 25.19 12.53
C ALA A 101 9.59 26.37 13.32
N VAL A 102 9.93 26.47 14.61
CA VAL A 102 9.55 27.63 15.40
C VAL A 102 10.26 28.88 14.89
N GLY A 103 11.57 28.76 14.64
CA GLY A 103 12.32 29.90 14.13
C GLY A 103 11.80 30.38 12.79
N LEU A 104 11.48 29.46 11.89
CA LEU A 104 10.96 29.86 10.58
C LEU A 104 9.60 30.53 10.71
N ALA A 105 8.77 30.05 11.64
CA ALA A 105 7.51 30.73 11.90
C ALA A 105 7.75 32.14 12.41
N LYS A 106 8.64 32.29 13.40
CA LYS A 106 9.01 33.63 13.87
C LYS A 106 9.60 34.44 12.73
N PHE A 107 10.30 33.78 11.82
CA PHE A 107 10.97 34.44 10.70
C PHE A 107 9.99 34.92 9.64
N ALA A 108 8.89 34.20 9.47
CA ALA A 108 7.91 34.60 8.51
C ALA A 108 7.09 35.76 8.98
N LYS A 109 6.84 35.89 10.27
CA LYS A 109 6.03 36.98 10.73
C LYS A 109 6.83 38.24 10.72
N GLU A 110 8.10 38.06 10.94
CA GLU A 110 9.08 39.10 11.02
C GLU A 110 9.29 39.78 9.68
N HIS A 111 8.86 39.16 8.59
CA HIS A 111 8.89 39.72 7.25
C HIS A 111 7.50 39.96 6.62
N GLY A 112 6.44 40.02 7.43
CA GLY A 112 5.16 40.50 6.96
C GLY A 112 4.19 39.49 6.39
N ALA A 113 4.41 38.20 6.62
CA ALA A 113 3.45 37.19 6.20
C ALA A 113 2.15 37.33 6.96
N ASP A 114 1.04 36.93 6.32
CA ASP A 114 -0.24 36.96 6.99
C ASP A 114 -0.48 35.69 7.80
N GLY A 115 0.12 34.59 7.38
CA GLY A 115 0.03 33.32 8.09
C GLY A 115 1.11 32.40 7.57
N ILE A 116 1.18 31.21 8.17
CA ILE A 116 2.19 30.24 7.77
C ILE A 116 1.54 28.90 7.45
N LEU A 117 2.08 28.25 6.43
CA LEU A 117 1.87 26.84 6.15
C LEU A 117 3.04 26.06 6.74
N SER A 118 2.75 24.95 7.42
CA SER A 118 3.77 24.19 8.12
C SER A 118 3.53 22.70 7.91
N VAL A 119 4.38 22.07 7.09
CA VAL A 119 4.21 20.65 6.75
C VAL A 119 4.53 19.77 7.96
N ALA A 120 3.88 18.61 8.02
CA ALA A 120 4.18 17.64 9.06
C ALA A 120 5.64 17.19 8.93
N PRO A 121 6.33 16.98 10.04
CA PRO A 121 7.74 16.53 9.97
C PRO A 121 7.92 15.33 9.07
N PHE A 122 8.94 15.39 8.23
CA PHE A 122 9.24 14.39 7.22
C PHE A 122 10.47 13.61 7.63
N TYR A 123 10.57 12.38 7.11
CA TYR A 123 11.70 11.49 7.31
C TYR A 123 11.81 10.91 8.72
N ASN A 124 11.71 11.73 9.77
CA ASN A 124 11.96 11.22 11.12
C ASN A 124 10.73 10.58 11.77
N LYS A 125 9.60 10.52 11.06
CA LYS A 125 8.43 9.74 11.45
C LYS A 125 8.01 9.90 12.90
N PRO A 126 7.65 11.11 13.33
CA PRO A 126 7.19 11.30 14.72
C PRO A 126 5.84 10.64 14.99
N THR A 127 5.62 10.32 16.26
CA THR A 127 4.33 9.79 16.71
C THR A 127 3.29 10.89 16.77
N GLN A 128 2.04 10.49 17.03
CA GLN A 128 0.97 11.47 17.17
C GLN A 128 1.23 12.41 18.35
N GLN A 129 1.73 11.86 19.46
CA GLN A 129 2.11 12.70 20.60
C GLN A 129 3.15 13.74 20.18
N GLY A 130 4.18 13.29 19.45
CA GLY A 130 5.21 14.21 19.00
C GLY A 130 4.70 15.24 18.02
N LEU A 131 3.79 14.83 17.11
CA LEU A 131 3.21 15.76 16.16
C LEU A 131 2.44 16.86 16.88
N TYR A 132 1.65 16.49 17.88
CA TYR A 132 0.89 17.48 18.65
C TYR A 132 1.83 18.47 19.33
N GLU A 133 2.88 17.97 19.97
CA GLU A 133 3.79 18.86 20.65
C GLU A 133 4.65 19.66 19.67
N HIS A 134 4.87 19.13 18.48
CA HIS A 134 5.54 19.90 17.44
C HIS A 134 4.71 21.13 17.08
N TYR A 135 3.47 20.91 16.69
CA TYR A 135 2.62 22.00 16.21
C TYR A 135 2.22 22.94 17.34
N LYS A 136 2.02 22.42 18.55
CA LYS A 136 1.70 23.28 19.67
C LYS A 136 2.87 24.21 19.97
N ALA A 137 4.09 23.72 19.79
CA ALA A 137 5.27 24.55 20.00
C ALA A 137 5.34 25.67 18.96
N ILE A 138 5.05 25.36 17.70
CA ILE A 138 5.03 26.40 16.67
C ILE A 138 3.92 27.39 16.94
N ALA A 139 2.71 26.88 17.20
CA ALA A 139 1.53 27.73 17.33
C ALA A 139 1.65 28.72 18.48
N GLN A 140 2.25 28.30 19.59
CA GLN A 140 2.32 29.15 20.78
C GLN A 140 3.56 30.02 20.83
N SER A 141 4.48 29.86 19.89
CA SER A 141 5.65 30.73 19.85
C SER A 141 5.38 31.97 19.02
N VAL A 142 4.52 31.93 18.03
CA VAL A 142 4.23 33.12 17.23
C VAL A 142 2.75 33.35 17.04
N ASP A 143 2.39 34.56 16.63
CA ASP A 143 0.98 34.94 16.55
C ASP A 143 0.18 34.99 15.27
N ILE A 144 0.60 34.34 14.19
CA ILE A 144 -0.22 34.40 13.00
C ILE A 144 -0.94 33.09 12.72
N PRO A 145 -1.97 33.11 11.89
CA PRO A 145 -2.65 31.85 11.59
C PRO A 145 -1.65 30.79 11.11
N VAL A 146 -1.90 29.56 11.53
CA VAL A 146 -1.07 28.40 11.22
C VAL A 146 -1.95 27.40 10.50
N LEU A 147 -1.52 26.96 9.31
CA LEU A 147 -2.24 25.94 8.56
C LEU A 147 -1.39 24.67 8.54
N LEU A 148 -1.94 23.58 9.09
CA LEU A 148 -1.26 22.30 9.00
C LEU A 148 -1.29 21.79 7.55
N TYR A 149 -0.32 20.93 7.23
CA TYR A 149 -0.21 20.37 5.90
C TYR A 149 0.10 18.88 6.04
N ASN A 150 -0.79 18.05 5.55
CA ASN A 150 -0.64 16.60 5.65
C ASN A 150 -0.42 16.04 4.25
N VAL A 151 0.77 15.49 4.02
CA VAL A 151 1.07 14.89 2.72
C VAL A 151 1.88 13.61 2.98
N PRO A 152 1.21 12.54 3.41
CA PRO A 152 1.96 11.36 3.90
C PRO A 152 2.81 10.68 2.84
N GLY A 153 2.45 10.79 1.56
CA GLY A 153 3.28 10.24 0.51
C GLY A 153 4.65 10.89 0.45
N ARG A 154 4.79 12.10 0.99
CA ARG A 154 6.08 12.80 1.01
C ARG A 154 6.77 12.73 2.35
N THR A 155 6.03 12.67 3.46
CA THR A 155 6.62 12.79 4.78
C THR A 155 6.93 11.46 5.46
N GLY A 156 6.19 10.42 5.15
CA GLY A 156 6.29 9.18 5.86
C GLY A 156 5.45 9.12 7.10
N CYS A 157 4.66 10.16 7.38
CA CYS A 157 3.80 10.17 8.54
C CYS A 157 2.48 10.79 8.15
N GLU A 158 1.47 10.59 9.00
CA GLU A 158 0.15 11.14 8.77
C GLU A 158 -0.32 11.81 10.06
N ILE A 159 -0.84 13.04 9.93
CA ILE A 159 -1.48 13.69 11.08
C ILE A 159 -2.90 13.10 11.20
N SER A 160 -3.15 12.37 12.27
CA SER A 160 -4.45 11.76 12.48
C SER A 160 -5.53 12.84 12.61
N THR A 161 -6.78 12.43 12.31
CA THR A 161 -7.90 13.35 12.47
C THR A 161 -8.00 13.84 13.91
N ASP A 162 -7.84 12.94 14.88
CA ASP A 162 -7.94 13.34 16.27
C ASP A 162 -6.84 14.33 16.65
N THR A 163 -5.62 14.11 16.15
CA THR A 163 -4.53 15.06 16.41
C THR A 163 -4.84 16.44 15.81
N ILE A 164 -5.33 16.46 14.56
CA ILE A 164 -5.70 17.71 13.92
C ILE A 164 -6.76 18.41 14.74
N ILE A 165 -7.80 17.68 15.15
CA ILE A 165 -8.92 18.28 15.86
C ILE A 165 -8.47 18.76 17.24
N LYS A 166 -7.60 17.99 17.91
CA LYS A 166 -7.06 18.43 19.19
C LYS A 166 -6.22 19.69 19.01
N LEU A 167 -5.40 19.75 17.96
CA LEU A 167 -4.60 20.94 17.71
C LEU A 167 -5.49 22.14 17.42
N PHE A 168 -6.55 21.93 16.63
CA PHE A 168 -7.43 23.02 16.25
C PHE A 168 -8.15 23.61 17.46
N ARG A 169 -8.55 22.76 18.41
CA ARG A 169 -9.30 23.22 19.56
C ARG A 169 -8.43 23.77 20.67
N ASP A 170 -7.15 23.40 20.71
CA ASP A 170 -6.29 23.77 21.84
C ASP A 170 -5.50 25.05 21.61
N CYS A 171 -5.07 25.32 20.37
CA CYS A 171 -4.34 26.54 20.03
C CYS A 171 -5.15 27.40 19.07
N GLU A 172 -5.26 28.67 19.40
CA GLU A 172 -6.00 29.66 18.64
C GLU A 172 -5.45 29.92 17.28
N ASN A 173 -4.16 29.71 17.12
CA ASN A 173 -3.51 29.97 15.88
C ASN A 173 -3.85 29.00 14.78
N ILE A 174 -3.88 27.74 15.11
CA ILE A 174 -4.16 26.65 14.16
C ILE A 174 -5.62 26.73 13.79
N TYR A 175 -5.90 26.91 12.51
CA TYR A 175 -7.25 27.13 12.03
C TYR A 175 -7.68 26.13 10.96
N GLY A 176 -6.80 25.24 10.54
CA GLY A 176 -7.20 24.26 9.56
C GLY A 176 -6.01 23.43 9.10
N VAL A 177 -6.23 22.70 8.01
CA VAL A 177 -5.23 21.79 7.47
C VAL A 177 -5.33 21.76 5.95
N LYS A 178 -4.18 21.74 5.29
CA LYS A 178 -4.12 21.43 3.87
C LYS A 178 -3.95 19.91 3.76
N GLU A 179 -4.96 19.25 3.20
CA GLU A 179 -4.98 17.80 3.13
C GLU A 179 -4.59 17.38 1.73
N ALA A 180 -3.47 16.66 1.62
CA ALA A 180 -3.01 16.08 0.36
C ALA A 180 -2.77 14.58 0.54
N SER A 181 -3.77 13.90 1.12
CA SER A 181 -3.69 12.48 1.34
C SER A 181 -4.35 11.67 0.23
N GLY A 182 -5.27 12.27 -0.52
CA GLY A 182 -6.10 11.53 -1.47
C GLY A 182 -7.12 10.62 -0.83
N ASN A 183 -7.75 11.06 0.26
CA ASN A 183 -8.64 10.22 1.08
C ASN A 183 -9.83 11.09 1.49
N ILE A 184 -10.88 11.06 0.66
CA ILE A 184 -12.03 11.91 0.96
C ILE A 184 -12.73 11.46 2.23
N ASP A 185 -12.56 10.18 2.61
CA ASP A 185 -13.08 9.72 3.89
C ASP A 185 -12.50 10.51 5.04
N LYS A 186 -11.21 10.83 4.98
CA LYS A 186 -10.62 11.62 6.05
C LYS A 186 -11.25 13.00 6.13
N CYS A 187 -11.62 13.59 4.98
CA CYS A 187 -12.17 14.93 5.00
C CYS A 187 -13.59 14.96 5.56
N VAL A 188 -14.37 13.90 5.28
CA VAL A 188 -15.65 13.75 5.94
C VAL A 188 -15.45 13.61 7.45
N ASP A 189 -14.50 12.75 7.84
CA ASP A 189 -14.20 12.54 9.25
C ASP A 189 -13.90 13.84 9.97
N LEU A 190 -13.01 14.66 9.39
CA LEU A 190 -12.62 15.91 10.02
C LEU A 190 -13.82 16.83 10.22
N LEU A 191 -14.54 17.11 9.13
CA LEU A 191 -15.59 18.12 9.17
C LEU A 191 -16.85 17.63 9.87
N ALA A 192 -17.07 16.33 9.93
CA ALA A 192 -18.24 15.84 10.66
C ALA A 192 -18.05 16.02 12.17
N HIS A 193 -16.81 15.94 12.66
CA HIS A 193 -16.53 16.09 14.09
C HIS A 193 -16.12 17.51 14.47
N GLU A 194 -15.59 18.30 13.55
CA GLU A 194 -15.16 19.66 13.85
C GLU A 194 -15.50 20.56 12.66
N PRO A 195 -16.78 20.93 12.53
CA PRO A 195 -17.19 21.73 11.36
C PRO A 195 -16.66 23.16 11.38
N ARG A 196 -15.92 23.57 12.41
CA ARG A 196 -15.41 24.94 12.47
C ARG A 196 -14.01 25.09 11.87
N MET A 197 -13.34 24.01 11.50
CA MET A 197 -12.03 24.16 10.93
C MET A 197 -12.12 24.41 9.42
N MET A 198 -11.06 25.02 8.88
CA MET A 198 -10.94 25.31 7.46
C MET A 198 -10.13 24.18 6.83
N LEU A 199 -10.81 23.27 6.15
CA LEU A 199 -10.15 22.21 5.41
C LEU A 199 -9.82 22.75 4.03
N ILE A 200 -8.55 22.69 3.64
CA ILE A 200 -8.07 23.27 2.40
C ILE A 200 -7.60 22.14 1.50
N SER A 201 -8.04 22.14 0.24
CA SER A 201 -7.66 21.06 -0.64
C SER A 201 -6.21 21.15 -1.07
N GLY A 202 -5.52 19.99 -1.05
CA GLY A 202 -4.16 19.93 -1.53
C GLY A 202 -3.97 18.96 -2.69
N GLU A 203 -5.06 18.61 -3.37
CA GLU A 203 -5.00 17.68 -4.50
C GLU A 203 -5.95 18.20 -5.57
N ASP A 204 -5.39 18.68 -6.68
CA ASP A 204 -6.16 19.48 -7.63
C ASP A 204 -7.29 18.66 -8.25
N ALA A 205 -7.03 17.40 -8.58
CA ALA A 205 -8.02 16.59 -9.27
C ALA A 205 -9.32 16.51 -8.50
N ILE A 206 -9.26 16.59 -7.17
CA ILE A 206 -10.47 16.43 -6.37
C ILE A 206 -10.77 17.72 -5.61
N ASN A 207 -10.43 18.86 -6.21
CA ASN A 207 -10.72 20.16 -5.57
C ASN A 207 -12.22 20.33 -5.30
N TYR A 208 -13.05 20.09 -6.31
CA TYR A 208 -14.49 20.31 -6.12
C TYR A 208 -15.09 19.40 -5.06
N PRO A 209 -14.83 18.08 -5.06
CA PRO A 209 -15.42 17.24 -4.00
C PRO A 209 -15.03 17.64 -2.59
N ILE A 210 -13.83 18.17 -2.39
CA ILE A 210 -13.45 18.64 -1.06
C ILE A 210 -14.23 19.90 -0.71
N LEU A 211 -14.35 20.83 -1.67
CA LEU A 211 -15.11 22.05 -1.42
C LEU A 211 -16.58 21.74 -1.21
N SER A 212 -17.15 20.81 -1.98
CA SER A 212 -18.57 20.53 -1.84
C SER A 212 -18.90 19.87 -0.50
N ASN A 213 -17.93 19.29 0.18
CA ASN A 213 -18.15 18.72 1.50
C ASN A 213 -17.90 19.71 2.63
N GLY A 214 -17.67 21.00 2.30
CA GLY A 214 -17.44 22.01 3.30
C GLY A 214 -16.04 22.55 3.36
N GLY A 215 -15.15 22.14 2.46
CA GLY A 215 -13.84 22.76 2.38
C GLY A 215 -13.95 24.23 2.01
N LYS A 216 -12.97 25.02 2.45
CA LYS A 216 -13.09 26.46 2.31
C LYS A 216 -11.98 27.07 1.44
N GLY A 217 -11.26 26.28 0.68
CA GLY A 217 -10.26 26.83 -0.20
C GLY A 217 -9.37 25.74 -0.74
N VAL A 218 -8.48 26.15 -1.64
CA VAL A 218 -7.51 25.27 -2.26
C VAL A 218 -6.14 25.92 -2.20
N ILE A 219 -5.11 25.09 -2.09
CA ILE A 219 -3.73 25.49 -2.32
C ILE A 219 -3.29 24.68 -3.53
N SER A 220 -3.19 25.34 -4.68
CA SER A 220 -3.20 24.67 -5.97
C SER A 220 -1.84 24.74 -6.63
N VAL A 221 -1.50 23.67 -7.34
CA VAL A 221 -0.38 23.68 -8.26
C VAL A 221 -0.83 24.16 -9.63
N THR A 222 -2.03 23.74 -10.05
CA THR A 222 -2.55 24.11 -11.37
C THR A 222 -2.68 25.61 -11.51
N SER A 223 -2.93 26.33 -10.41
CA SER A 223 -3.18 27.77 -10.53
C SER A 223 -1.95 28.54 -11.00
N ASN A 224 -0.75 27.98 -10.88
CA ASN A 224 0.40 28.61 -11.52
C ASN A 224 0.13 28.83 -13.00
N LEU A 225 -0.49 27.85 -13.65
CA LEU A 225 -0.75 27.90 -15.09
C LEU A 225 -2.10 28.52 -15.41
N LEU A 226 -3.14 28.12 -14.70
CA LEU A 226 -4.52 28.49 -15.00
C LEU A 226 -5.16 29.14 -13.79
N PRO A 227 -4.70 30.33 -13.37
CA PRO A 227 -5.24 30.89 -12.13
C PRO A 227 -6.71 31.24 -12.22
N ASP A 228 -7.18 31.74 -13.36
CA ASP A 228 -8.58 32.16 -13.50
C ASP A 228 -9.54 30.99 -13.32
N MET A 229 -9.15 29.80 -13.74
CA MET A 229 -10.04 28.66 -13.63
C MET A 229 -10.08 28.10 -12.21
N ILE A 230 -8.92 28.02 -11.55
CA ILE A 230 -8.91 27.61 -10.15
C ILE A 230 -9.64 28.63 -9.29
N SER A 231 -9.45 29.92 -9.57
CA SER A 231 -10.17 30.96 -8.84
C SER A 231 -11.67 30.85 -9.04
N ALA A 232 -12.11 30.66 -10.29
CA ALA A 232 -13.54 30.52 -10.53
C ALA A 232 -14.10 29.28 -9.84
N LEU A 233 -13.39 28.15 -9.97
CA LEU A 233 -13.82 26.92 -9.33
C LEU A 233 -14.10 27.15 -7.84
N THR A 234 -13.13 27.76 -7.15
CA THR A 234 -13.25 27.97 -5.72
C THR A 234 -14.41 28.89 -5.38
N HIS A 235 -14.55 30.00 -6.12
CA HIS A 235 -15.56 30.97 -5.72
C HIS A 235 -16.96 30.48 -6.04
N PHE A 236 -17.13 29.77 -7.17
CA PHE A 236 -18.42 29.16 -7.46
C PHE A 236 -18.83 28.22 -6.33
N ALA A 237 -17.89 27.40 -5.86
CA ALA A 237 -18.19 26.42 -4.83
C ALA A 237 -18.54 27.09 -3.51
N LEU A 238 -17.81 28.15 -3.14
CA LEU A 238 -18.06 28.82 -1.86
C LEU A 238 -19.43 29.48 -1.83
N ASP A 239 -19.95 29.88 -2.99
CA ASP A 239 -21.30 30.37 -3.07
C ASP A 239 -22.29 29.28 -3.44
N GLU A 240 -21.84 28.03 -3.42
CA GLU A 240 -22.67 26.84 -3.62
C GLU A 240 -23.31 26.80 -5.01
N ASN A 241 -22.63 27.35 -6.02
CA ASN A 241 -22.99 27.06 -7.41
C ASN A 241 -22.21 25.79 -7.79
N TYR A 242 -22.69 24.69 -7.27
CA TYR A 242 -22.01 23.44 -7.40
C TYR A 242 -21.88 22.90 -8.78
N LYS A 243 -22.81 23.20 -9.65
CA LYS A 243 -22.72 22.66 -10.97
C LYS A 243 -21.67 23.32 -11.83
N GLU A 244 -21.33 24.56 -11.53
CA GLU A 244 -20.30 25.29 -12.25
C GLU A 244 -18.95 24.90 -11.70
N ALA A 245 -18.82 24.86 -10.38
CA ALA A 245 -17.60 24.38 -9.75
C ALA A 245 -17.29 22.97 -10.23
N LYS A 246 -18.32 22.12 -10.33
CA LYS A 246 -18.06 20.76 -10.79
C LYS A 246 -17.63 20.74 -12.25
N LYS A 247 -18.29 21.55 -13.10
CA LYS A 247 -17.94 21.55 -14.51
C LYS A 247 -16.51 22.02 -14.74
N ILE A 248 -16.07 23.02 -13.96
CA ILE A 248 -14.69 23.47 -14.09
C ILE A 248 -13.74 22.41 -13.54
N ASN A 249 -14.12 21.75 -12.44
CA ASN A 249 -13.31 20.67 -11.93
C ASN A 249 -13.17 19.55 -12.94
N ASP A 250 -14.23 19.26 -13.68
CA ASP A 250 -14.17 18.22 -14.69
C ASP A 250 -13.27 18.63 -15.85
N GLU A 251 -13.36 19.90 -16.29
CA GLU A 251 -12.52 20.35 -17.38
C GLU A 251 -11.06 20.30 -17.01
N LEU A 252 -10.74 20.62 -15.76
CA LEU A 252 -9.37 20.64 -15.30
C LEU A 252 -8.80 19.26 -15.03
N TYR A 253 -9.59 18.19 -15.14
CA TYR A 253 -9.12 16.90 -14.67
C TYR A 253 -7.87 16.46 -15.40
N ASN A 254 -7.88 16.55 -16.73
CA ASN A 254 -6.74 16.06 -17.52
C ASN A 254 -5.45 16.79 -17.14
N ILE A 255 -5.49 18.11 -17.04
CA ILE A 255 -4.28 18.85 -16.68
C ILE A 255 -3.90 18.60 -15.23
N ASN A 256 -4.90 18.43 -14.35
CA ASN A 256 -4.64 18.15 -12.94
C ASN A 256 -3.84 16.85 -12.76
N LYS A 257 -4.10 15.85 -13.61
CA LYS A 257 -3.37 14.59 -13.53
C LYS A 257 -1.98 14.73 -14.14
N ILE A 258 -1.92 15.37 -15.31
CA ILE A 258 -0.66 15.51 -16.04
C ILE A 258 0.34 16.32 -15.25
N LEU A 259 -0.12 17.26 -14.43
CA LEU A 259 0.85 18.03 -13.66
C LEU A 259 1.52 17.22 -12.57
N PHE A 260 1.24 15.92 -12.49
CA PHE A 260 1.90 15.01 -11.55
C PHE A 260 2.35 13.72 -12.23
N CYS A 261 2.49 13.72 -13.57
CA CYS A 261 3.10 12.58 -14.24
C CYS A 261 4.48 12.28 -13.67
N GLU A 262 5.22 13.31 -13.29
CA GLU A 262 6.41 13.20 -12.46
C GLU A 262 6.20 14.05 -11.22
N SER A 263 7.17 14.02 -10.30
CA SER A 263 6.94 14.65 -9.02
C SER A 263 6.88 16.16 -9.16
N ASN A 264 5.87 16.75 -8.53
CA ASN A 264 5.78 18.20 -8.44
C ASN A 264 7.01 18.72 -7.70
N PRO A 265 7.59 19.85 -8.13
CA PRO A 265 7.15 20.77 -9.19
C PRO A 265 7.80 20.58 -10.57
N ILE A 266 8.22 19.36 -10.92
CA ILE A 266 8.80 19.14 -12.25
C ILE A 266 7.80 19.40 -13.37
N PRO A 267 6.61 18.78 -13.40
CA PRO A 267 5.72 19.02 -14.54
C PRO A 267 5.22 20.46 -14.64
N ILE A 268 4.85 21.09 -13.52
CA ILE A 268 4.26 22.41 -13.55
C ILE A 268 5.27 23.43 -14.05
N LYS A 269 6.54 23.31 -13.62
CA LYS A 269 7.56 24.24 -14.11
C LYS A 269 7.81 24.04 -15.60
N THR A 270 7.81 22.79 -16.05
CA THR A 270 7.90 22.54 -17.49
C THR A 270 6.76 23.21 -18.24
N ALA A 271 5.56 23.17 -17.68
CA ALA A 271 4.42 23.82 -18.31
C ALA A 271 4.61 25.33 -18.35
N MET A 272 5.05 25.93 -17.23
CA MET A 272 5.30 27.37 -17.20
C MET A 272 6.35 27.77 -18.24
N TYR A 273 7.34 26.92 -18.47
CA TYR A 273 8.38 27.24 -19.44
C TYR A 273 7.87 27.15 -20.87
N LEU A 274 7.10 26.09 -21.17
CA LEU A 274 6.55 25.94 -22.51
C LEU A 274 5.61 27.08 -22.88
N ALA A 275 4.90 27.63 -21.90
CA ALA A 275 3.98 28.74 -22.13
C ALA A 275 4.67 30.09 -22.16
N GLY A 276 6.00 30.13 -22.12
CA GLY A 276 6.69 31.40 -22.15
C GLY A 276 6.49 32.27 -20.94
N LEU A 277 6.06 31.69 -19.81
CA LEU A 277 5.84 32.48 -18.61
C LEU A 277 7.08 32.57 -17.72
N ILE A 278 8.07 31.71 -17.92
CA ILE A 278 9.38 31.85 -17.30
C ILE A 278 10.43 31.71 -18.38
N GLU A 279 11.60 32.33 -18.17
CA GLU A 279 12.56 32.44 -19.25
C GLU A 279 13.53 31.28 -19.31
N SER A 280 13.53 30.40 -18.31
CA SER A 280 14.46 29.28 -18.27
C SER A 280 13.86 28.19 -17.39
N LEU A 281 14.13 26.93 -17.78
CA LEU A 281 13.62 25.73 -17.10
C LEU A 281 14.75 25.12 -16.29
N GLU A 282 14.99 25.70 -15.11
CA GLU A 282 16.08 25.31 -14.24
C GLU A 282 15.54 24.74 -12.94
N PHE A 283 16.09 23.63 -12.53
CA PHE A 283 15.82 23.10 -11.21
C PHE A 283 17.12 23.10 -10.43
N ARG A 284 17.01 22.83 -9.14
CA ARG A 284 18.18 22.54 -8.32
C ARG A 284 18.16 21.05 -8.02
N LEU A 285 19.30 20.39 -8.23
CA LEU A 285 19.39 18.97 -7.97
C LEU A 285 18.98 18.71 -6.51
N PRO A 286 18.34 17.56 -6.22
CA PRO A 286 18.14 16.38 -7.08
C PRO A 286 16.97 16.49 -8.06
N LEU A 287 16.33 17.65 -8.14
CA LEU A 287 15.30 17.83 -9.13
C LEU A 287 15.94 18.13 -10.48
N CYS A 288 15.29 17.67 -11.55
CA CYS A 288 15.84 17.82 -12.89
C CYS A 288 14.71 17.90 -13.91
N SER A 289 15.09 18.08 -15.17
CA SER A 289 14.13 18.17 -16.25
C SER A 289 13.28 16.91 -16.30
N PRO A 290 12.08 16.98 -16.85
CA PRO A 290 11.20 15.81 -16.85
C PRO A 290 11.68 14.78 -17.87
N SER A 291 11.03 13.63 -17.82
CA SER A 291 11.19 12.61 -18.85
C SER A 291 10.89 13.21 -20.23
N LYS A 292 11.45 12.60 -21.29
CA LYS A 292 11.14 13.08 -22.63
C LYS A 292 9.70 12.77 -23.03
N GLU A 293 9.18 11.60 -22.62
CA GLU A 293 7.80 11.25 -22.93
C GLU A 293 6.84 12.09 -22.09
N ASN A 294 7.18 12.34 -20.83
CA ASN A 294 6.36 13.20 -20.00
C ASN A 294 6.38 14.64 -20.50
N PHE A 295 7.52 15.10 -21.03
CA PHE A 295 7.58 16.43 -21.62
C PHE A 295 6.52 16.59 -22.70
N ALA A 296 6.42 15.60 -23.59
CA ALA A 296 5.44 15.63 -24.65
C ALA A 296 4.01 15.55 -24.09
N LYS A 297 3.82 14.80 -23.01
CA LYS A 297 2.48 14.71 -22.42
C LYS A 297 2.04 16.06 -21.88
N ILE A 298 2.96 16.77 -21.20
CA ILE A 298 2.63 18.09 -20.69
C ILE A 298 2.28 19.03 -21.84
N GLU A 299 3.12 19.09 -22.87
CA GLU A 299 2.90 20.03 -23.97
C GLU A 299 1.63 19.71 -24.73
N GLU A 300 1.16 18.46 -24.72
CA GLU A 300 -0.03 18.15 -25.50
C GLU A 300 -1.34 18.37 -24.74
N VAL A 301 -1.40 18.05 -23.44
CA VAL A 301 -2.60 18.39 -22.71
C VAL A 301 -2.63 19.89 -22.37
N MET A 302 -1.47 20.54 -22.30
CA MET A 302 -1.40 21.98 -22.05
C MET A 302 -2.21 22.72 -23.09
N LYS A 303 -2.25 22.17 -24.29
CA LYS A 303 -2.86 22.71 -25.49
C LYS A 303 -4.37 22.73 -25.46
N LYS A 304 -4.99 22.09 -24.49
CA LYS A 304 -6.45 21.99 -24.47
C LYS A 304 -7.08 23.04 -23.60
N TYR A 305 -6.29 23.89 -22.98
CA TYR A 305 -6.77 24.94 -22.12
C TYR A 305 -6.29 26.28 -22.66
N LYS A 306 -6.87 27.34 -22.09
CA LYS A 306 -6.49 28.69 -22.43
C LYS A 306 -5.66 29.26 -21.28
N ILE A 307 -4.47 29.73 -21.62
CA ILE A 307 -3.48 30.14 -20.64
C ILE A 307 -3.28 31.64 -20.78
N LYS A 308 -3.65 32.38 -19.74
CA LYS A 308 -3.55 33.83 -19.79
C LYS A 308 -2.11 34.28 -19.63
N GLY A 309 -1.77 35.37 -20.31
CA GLY A 309 -0.45 35.95 -20.26
C GLY A 309 -0.29 36.98 -19.16
N PHE A 310 0.70 37.86 -19.34
CA PHE A 310 0.96 38.93 -18.38
C PHE A 310 0.11 40.15 -18.71
N LYS B 15 37.59 -1.73 -5.62
CA LYS B 15 36.95 -0.64 -4.86
C LYS B 15 37.31 -0.65 -3.37
N ASN B 16 37.38 0.55 -2.78
CA ASN B 16 37.52 0.66 -1.33
C ASN B 16 36.15 0.52 -0.69
N ILE B 17 36.05 -0.37 0.29
CA ILE B 17 34.77 -0.75 0.86
C ILE B 17 34.81 -0.62 2.38
N ILE B 18 33.62 -0.52 2.95
CA ILE B 18 33.42 -0.59 4.39
C ILE B 18 32.27 -1.56 4.63
N ILE B 19 32.58 -2.71 5.19
CA ILE B 19 31.60 -3.79 5.34
C ILE B 19 31.69 -4.39 6.74
N GLY B 20 30.93 -5.45 6.97
CA GLY B 20 30.91 -6.12 8.26
C GLY B 20 29.77 -5.65 9.15
N ALA B 21 29.94 -5.92 10.44
CA ALA B 21 28.94 -5.61 11.45
C ALA B 21 29.08 -4.14 11.86
N MET B 22 28.04 -3.35 11.60
CA MET B 22 28.07 -1.92 11.86
C MET B 22 26.88 -1.48 12.69
N THR B 23 27.06 -0.40 13.44
CA THR B 23 26.07 0.09 14.39
C THR B 23 25.67 1.51 14.03
N ALA B 24 24.36 1.74 13.94
CA ALA B 24 23.81 3.08 13.77
C ALA B 24 23.74 3.74 15.14
N LEU B 25 24.73 4.56 15.48
CA LEU B 25 24.86 5.06 16.85
C LEU B 25 23.71 5.97 17.25
N ILE B 26 23.23 5.79 18.48
CA ILE B 26 22.28 6.74 19.05
C ILE B 26 23.04 7.98 19.53
N THR B 27 22.31 9.07 19.67
CA THR B 27 22.87 10.31 20.17
C THR B 27 22.29 10.61 21.55
N PRO B 28 23.02 10.37 22.64
CA PRO B 28 22.45 10.63 23.96
C PRO B 28 22.45 12.14 24.23
N PHE B 29 21.31 12.64 24.70
CA PHE B 29 21.18 14.02 25.12
C PHE B 29 21.16 14.09 26.65
N LYS B 30 21.73 15.15 27.20
CA LYS B 30 21.56 15.45 28.62
C LYS B 30 21.37 16.95 28.79
N ASN B 31 20.29 17.33 29.47
CA ASN B 31 19.89 18.74 29.59
C ASN B 31 19.89 19.44 28.22
N GLY B 32 19.29 18.79 27.23
CA GLY B 32 19.14 19.34 25.91
C GLY B 32 20.38 19.38 25.06
N LYS B 33 21.53 18.99 25.59
CA LYS B 33 22.78 18.99 24.84
C LYS B 33 23.34 17.58 24.70
N VAL B 34 24.25 17.41 23.73
CA VAL B 34 24.84 16.10 23.47
C VAL B 34 25.80 15.75 24.61
N ASP B 35 25.59 14.59 25.22
CA ASP B 35 26.46 14.10 26.29
C ASP B 35 27.69 13.50 25.63
N GLU B 36 28.67 14.33 25.41
CA GLU B 36 29.88 13.94 24.72
C GLU B 36 30.67 12.84 25.30
N GLN B 37 30.71 12.74 26.61
CA GLN B 37 31.48 11.71 27.21
C GLN B 37 30.71 10.42 27.22
N SER B 38 29.40 10.50 27.17
CA SER B 38 28.60 9.31 27.14
C SER B 38 28.72 8.77 25.74
N TYR B 39 28.83 9.68 24.80
CA TYR B 39 28.95 9.33 23.39
C TYR B 39 30.26 8.56 23.14
N ALA B 40 31.36 9.02 23.73
CA ALA B 40 32.63 8.31 23.56
C ALA B 40 32.58 6.95 24.24
N ARG B 41 31.88 6.83 25.36
CA ARG B 41 31.90 5.56 26.05
C ARG B 41 30.98 4.56 25.37
N LEU B 42 29.96 5.04 24.67
CA LEU B 42 29.10 4.13 23.91
C LEU B 42 29.83 3.58 22.71
N ILE B 43 30.70 4.40 22.10
CA ILE B 43 31.50 3.94 20.96
C ILE B 43 32.54 2.94 21.43
N LYS B 44 33.17 3.21 22.59
CA LYS B 44 34.16 2.28 23.14
C LYS B 44 33.52 0.94 23.49
N ARG B 45 32.28 0.93 23.98
CA ARG B 45 31.61 -0.33 24.23
C ARG B 45 31.41 -1.11 22.93
N GLN B 46 31.01 -0.41 21.86
CA GLN B 46 30.87 -1.04 20.55
C GLN B 46 32.19 -1.61 20.06
N ILE B 47 33.29 -0.85 20.22
CA ILE B 47 34.59 -1.35 19.79
C ILE B 47 34.92 -2.63 20.54
N GLU B 48 34.74 -2.62 21.86
CA GLU B 48 35.08 -3.76 22.71
C GLU B 48 34.14 -4.95 22.50
N ASN B 49 33.13 -4.84 21.65
CA ASN B 49 32.19 -5.92 21.44
C ASN B 49 32.18 -6.42 19.98
N GLY B 50 33.28 -6.25 19.25
CA GLY B 50 33.45 -6.88 17.95
C GLY B 50 32.82 -6.17 16.78
N ILE B 51 32.43 -4.92 16.94
CA ILE B 51 31.78 -4.17 15.86
C ILE B 51 32.84 -3.70 14.87
N ASP B 52 32.52 -3.79 13.58
CA ASP B 52 33.44 -3.44 12.51
C ASP B 52 33.38 -1.96 12.12
N ALA B 53 32.26 -1.29 12.34
CA ALA B 53 32.15 0.11 11.96
C ALA B 53 31.04 0.78 12.78
N VAL B 54 31.16 2.09 12.92
CA VAL B 54 30.15 2.88 13.60
C VAL B 54 29.65 3.96 12.65
N VAL B 55 28.36 4.25 12.76
CA VAL B 55 27.73 5.29 11.97
C VAL B 55 27.25 6.42 12.87
N PRO B 56 28.02 7.48 13.03
CA PRO B 56 27.55 8.64 13.80
C PRO B 56 26.56 9.47 13.00
N VAL B 57 25.67 10.14 13.74
CA VAL B 57 24.73 11.16 13.26
C VAL B 57 23.97 10.74 11.99
N GLY B 58 23.44 9.52 12.00
CA GLY B 58 22.51 9.07 11.01
C GLY B 58 21.08 9.18 11.49
N THR B 59 20.20 8.36 10.89
CA THR B 59 18.80 8.35 11.29
C THR B 59 18.66 8.03 12.77
N THR B 60 19.27 6.94 13.22
CA THR B 60 19.15 6.55 14.63
C THR B 60 19.81 7.56 15.56
N GLY B 61 20.77 8.34 15.07
CA GLY B 61 21.37 9.38 15.85
C GLY B 61 20.60 10.70 15.84
N GLU B 62 19.36 10.69 15.35
CA GLU B 62 18.52 11.89 15.33
C GLU B 62 19.18 13.02 14.52
N SER B 63 19.64 12.67 13.31
CA SER B 63 20.39 13.61 12.48
C SER B 63 19.60 14.86 12.14
N ALA B 64 18.28 14.74 11.98
CA ALA B 64 17.48 15.88 11.54
C ALA B 64 17.41 16.96 12.60
N THR B 65 17.52 16.61 13.88
CA THR B 65 17.35 17.58 14.94
C THR B 65 18.67 18.08 15.53
N LEU B 66 19.80 17.73 14.91
CA LEU B 66 21.11 18.19 15.36
C LEU B 66 21.47 19.52 14.72
N THR B 67 22.08 20.40 15.50
CA THR B 67 22.70 21.57 14.89
C THR B 67 23.90 21.15 14.05
N HIS B 68 24.38 22.08 13.23
CA HIS B 68 25.51 21.74 12.37
C HIS B 68 26.81 21.64 13.15
N GLU B 69 26.85 22.17 14.39
CA GLU B 69 28.04 21.98 15.20
C GLU B 69 27.99 20.65 15.93
N GLU B 70 26.82 20.23 16.39
CA GLU B 70 26.70 18.91 17.00
C GLU B 70 26.92 17.81 15.96
N HIS B 71 26.49 18.05 14.72
CA HIS B 71 26.82 17.12 13.63
C HIS B 71 28.32 16.98 13.48
N ARG B 72 29.01 18.11 13.38
CA ARG B 72 30.47 18.09 13.25
C ARG B 72 31.12 17.46 14.48
N THR B 73 30.70 17.88 15.68
CA THR B 73 31.37 17.43 16.90
C THR B 73 31.26 15.91 17.11
N CYS B 74 30.11 15.32 16.74
CA CYS B 74 29.91 13.90 16.99
C CYS B 74 30.73 13.05 16.05
N ILE B 75 30.93 13.52 14.83
CA ILE B 75 31.80 12.85 13.88
C ILE B 75 33.23 12.86 14.40
N GLU B 76 33.66 14.00 14.95
CA GLU B 76 35.02 14.12 15.45
C GLU B 76 35.28 13.17 16.61
N ILE B 77 34.30 13.03 17.51
CA ILE B 77 34.45 12.09 18.61
C ILE B 77 34.58 10.67 18.10
N ALA B 78 33.74 10.28 17.13
CA ALA B 78 33.83 8.94 16.56
C ALA B 78 35.18 8.68 15.93
N VAL B 79 35.68 9.62 15.09
CA VAL B 79 36.95 9.39 14.42
C VAL B 79 38.10 9.32 15.43
N GLU B 80 38.00 10.05 16.54
CA GLU B 80 39.08 10.04 17.49
C GLU B 80 38.99 8.86 18.44
N THR B 81 37.78 8.35 18.68
CA THR B 81 37.64 7.16 19.52
C THR B 81 38.01 5.89 18.77
N CYS B 82 37.83 5.86 17.45
CA CYS B 82 38.14 4.68 16.67
C CYS B 82 39.60 4.61 16.22
N LYS B 83 40.39 5.64 16.49
CA LYS B 83 41.80 5.59 16.13
C LYS B 83 42.52 4.59 17.04
N GLY B 84 43.35 3.76 16.43
CA GLY B 84 44.04 2.69 17.11
C GLY B 84 43.27 1.40 17.18
N THR B 85 42.14 1.30 16.48
CA THR B 85 41.34 0.09 16.41
C THR B 85 41.09 -0.29 14.95
N LYS B 86 40.43 -1.42 14.79
CA LYS B 86 39.98 -1.91 13.51
C LYS B 86 38.63 -1.33 13.09
N VAL B 87 38.01 -0.49 13.91
CA VAL B 87 36.67 0.01 13.63
C VAL B 87 36.75 1.19 12.68
N LYS B 88 35.95 1.17 11.64
CA LYS B 88 35.89 2.27 10.69
C LYS B 88 34.76 3.22 11.10
N VAL B 89 34.88 4.46 10.66
CA VAL B 89 33.86 5.47 10.93
C VAL B 89 33.17 5.79 9.62
N LEU B 90 31.91 5.37 9.51
CA LEU B 90 31.07 5.61 8.34
C LEU B 90 30.12 6.76 8.70
N ALA B 91 30.48 7.96 8.30
CA ALA B 91 29.75 9.16 8.74
C ALA B 91 28.47 9.35 7.94
N GLY B 92 27.41 9.76 8.65
CA GLY B 92 26.18 10.15 7.97
C GLY B 92 26.36 11.50 7.29
N ALA B 93 26.00 11.58 5.99
CA ALA B 93 26.18 12.81 5.25
C ALA B 93 25.10 13.05 4.19
N GLY B 94 23.93 12.44 4.31
CA GLY B 94 22.93 12.61 3.29
C GLY B 94 22.11 13.88 3.45
N SER B 95 21.46 14.28 2.36
CA SER B 95 20.58 15.42 2.38
C SER B 95 19.70 15.40 1.12
N ASN B 96 18.55 16.05 1.22
CA ASN B 96 17.64 16.16 0.08
C ASN B 96 17.98 17.35 -0.82
N ALA B 97 19.06 18.07 -0.53
CA ALA B 97 19.62 19.10 -1.42
C ALA B 97 21.01 18.65 -1.83
N THR B 98 21.25 18.55 -3.14
CA THR B 98 22.52 17.97 -3.61
C THR B 98 23.71 18.81 -3.16
N HIS B 99 23.60 20.14 -3.28
CA HIS B 99 24.69 21.01 -2.85
C HIS B 99 25.04 20.77 -1.39
N GLU B 100 24.04 20.57 -0.53
CA GLU B 100 24.32 20.34 0.88
C GLU B 100 24.99 18.98 1.08
N ALA B 101 24.50 17.96 0.37
CA ALA B 101 25.08 16.63 0.51
C ALA B 101 26.52 16.60 0.02
N VAL B 102 26.86 17.45 -0.95
CA VAL B 102 28.25 17.56 -1.35
C VAL B 102 29.08 18.14 -0.20
N GLY B 103 28.57 19.23 0.41
CA GLY B 103 29.28 19.82 1.53
C GLY B 103 29.44 18.88 2.70
N LEU B 104 28.38 18.13 3.03
CA LEU B 104 28.47 17.17 4.12
C LEU B 104 29.46 16.06 3.79
N ALA B 105 29.49 15.63 2.52
CA ALA B 105 30.49 14.65 2.11
C ALA B 105 31.89 15.22 2.27
N LYS B 106 32.12 16.44 1.78
CA LYS B 106 33.44 17.04 1.92
C LYS B 106 33.83 17.21 3.38
N PHE B 107 32.87 17.47 4.26
CA PHE B 107 33.23 17.63 5.66
C PHE B 107 33.60 16.31 6.29
N ALA B 108 32.84 15.25 6.01
CA ALA B 108 33.15 13.95 6.56
C ALA B 108 34.53 13.50 6.13
N LYS B 109 34.92 13.76 4.91
CA LYS B 109 36.23 13.34 4.45
C LYS B 109 37.35 14.13 5.03
N GLU B 110 37.12 15.41 5.24
CA GLU B 110 38.17 16.25 5.76
C GLU B 110 38.44 16.08 7.23
N HIS B 111 37.57 15.41 7.95
CA HIS B 111 37.77 15.21 9.34
C HIS B 111 38.14 13.79 9.65
N GLY B 112 38.43 13.01 8.61
CA GLY B 112 38.99 11.70 8.84
C GLY B 112 38.02 10.56 8.87
N ALA B 113 36.79 10.74 8.39
CA ALA B 113 35.89 9.62 8.27
C ALA B 113 36.44 8.65 7.24
N ASP B 114 36.13 7.36 7.42
CA ASP B 114 36.58 6.37 6.44
C ASP B 114 35.67 6.31 5.22
N GLY B 115 34.38 6.64 5.38
CA GLY B 115 33.40 6.66 4.31
C GLY B 115 32.17 7.45 4.74
N ILE B 116 31.20 7.56 3.81
CA ILE B 116 29.96 8.28 4.09
C ILE B 116 28.76 7.37 3.80
N LEU B 117 27.76 7.49 4.65
CA LEU B 117 26.42 7.01 4.36
C LEU B 117 25.61 8.20 3.86
N SER B 118 24.83 7.98 2.81
CA SER B 118 24.10 9.07 2.17
C SER B 118 22.70 8.58 1.80
N VAL B 119 21.69 9.03 2.55
CA VAL B 119 20.32 8.61 2.31
C VAL B 119 19.78 9.23 1.01
N ALA B 120 18.86 8.54 0.37
CA ALA B 120 18.20 9.11 -0.79
C ALA B 120 17.50 10.40 -0.39
N PRO B 121 17.50 11.41 -1.26
CA PRO B 121 16.78 12.65 -0.95
C PRO B 121 15.34 12.38 -0.54
N PHE B 122 14.93 13.03 0.54
CA PHE B 122 13.62 12.79 1.12
C PHE B 122 12.70 13.97 0.87
N TYR B 123 11.41 13.68 0.91
CA TYR B 123 10.34 14.67 0.75
C TYR B 123 10.22 15.20 -0.68
N ASN B 124 11.31 15.62 -1.32
CA ASN B 124 11.15 16.28 -2.61
C ASN B 124 11.05 15.31 -3.80
N LYS B 125 11.06 14.01 -3.54
CA LYS B 125 10.74 12.98 -4.53
C LYS B 125 11.41 13.15 -5.90
N PRO B 126 12.74 13.14 -5.96
CA PRO B 126 13.40 13.24 -7.27
C PRO B 126 13.14 12.01 -8.12
N THR B 127 13.24 12.19 -9.42
CA THR B 127 13.12 11.07 -10.32
C THR B 127 14.39 10.23 -10.30
N GLN B 128 14.33 9.06 -10.92
CA GLN B 128 15.51 8.20 -10.99
C GLN B 128 16.67 8.94 -11.66
N GLN B 129 16.38 9.73 -12.69
CA GLN B 129 17.40 10.57 -13.28
C GLN B 129 18.01 11.52 -12.26
N GLY B 130 17.17 12.19 -11.47
CA GLY B 130 17.70 13.11 -10.47
C GLY B 130 18.55 12.42 -9.42
N LEU B 131 18.14 11.21 -9.01
CA LEU B 131 18.93 10.45 -8.04
C LEU B 131 20.32 10.15 -8.59
N TYR B 132 20.39 9.81 -9.89
CA TYR B 132 21.69 9.55 -10.52
C TYR B 132 22.58 10.78 -10.47
N GLU B 133 22.05 11.93 -10.87
CA GLU B 133 22.88 13.12 -10.86
C GLU B 133 23.18 13.59 -9.44
N HIS B 134 22.27 13.31 -8.50
CA HIS B 134 22.52 13.60 -7.09
C HIS B 134 23.74 12.85 -6.57
N TYR B 135 23.72 11.52 -6.70
CA TYR B 135 24.80 10.73 -6.13
C TYR B 135 26.08 10.86 -6.94
N LYS B 136 25.97 11.08 -8.26
CA LYS B 136 27.19 11.28 -9.04
C LYS B 136 27.89 12.57 -8.67
N ALA B 137 27.12 13.60 -8.35
CA ALA B 137 27.70 14.87 -7.91
C ALA B 137 28.43 14.70 -6.59
N ILE B 138 27.86 13.93 -5.66
CA ILE B 138 28.53 13.62 -4.39
C ILE B 138 29.79 12.80 -4.64
N ALA B 139 29.64 11.72 -5.43
CA ALA B 139 30.74 10.79 -5.64
C ALA B 139 31.94 11.44 -6.33
N GLN B 140 31.71 12.37 -7.25
CA GLN B 140 32.83 12.91 -8.00
C GLN B 140 33.47 14.14 -7.38
N SER B 141 32.93 14.64 -6.27
CA SER B 141 33.50 15.76 -5.57
C SER B 141 34.43 15.35 -4.43
N VAL B 142 34.27 14.15 -3.88
CA VAL B 142 35.08 13.70 -2.75
C VAL B 142 35.60 12.29 -3.02
N ASP B 143 36.65 11.92 -2.30
CA ASP B 143 37.47 10.74 -2.59
C ASP B 143 37.20 9.56 -1.65
N ILE B 144 36.19 9.62 -0.79
CA ILE B 144 36.06 8.53 0.17
C ILE B 144 34.92 7.61 -0.24
N PRO B 145 34.94 6.34 0.17
CA PRO B 145 33.87 5.41 -0.19
C PRO B 145 32.51 5.96 0.20
N VAL B 146 31.53 5.70 -0.65
CA VAL B 146 30.16 6.18 -0.48
C VAL B 146 29.21 4.99 -0.53
N LEU B 147 28.38 4.86 0.51
CA LEU B 147 27.37 3.82 0.59
C LEU B 147 25.99 4.47 0.46
N LEU B 148 25.24 4.07 -0.57
CA LEU B 148 23.87 4.55 -0.75
C LEU B 148 22.94 3.99 0.32
N TYR B 149 21.85 4.70 0.56
CA TYR B 149 20.89 4.30 1.58
C TYR B 149 19.49 4.49 1.03
N ASN B 150 18.75 3.39 0.94
CA ASN B 150 17.41 3.36 0.39
C ASN B 150 16.45 2.98 1.51
N VAL B 151 15.57 3.90 1.89
CA VAL B 151 14.58 3.62 2.92
C VAL B 151 13.29 4.33 2.50
N PRO B 152 12.55 3.78 1.52
CA PRO B 152 11.46 4.56 0.91
C PRO B 152 10.35 4.94 1.89
N GLY B 153 10.12 4.16 2.94
CA GLY B 153 9.10 4.52 3.92
C GLY B 153 9.37 5.83 4.62
N ARG B 154 10.63 6.27 4.64
CA ARG B 154 11.02 7.52 5.29
C ARG B 154 11.26 8.65 4.30
N THR B 155 11.71 8.33 3.07
CA THR B 155 12.08 9.32 2.08
C THR B 155 10.97 9.65 1.09
N GLY B 156 10.09 8.70 0.80
CA GLY B 156 9.07 8.89 -0.21
C GLY B 156 9.51 8.58 -1.62
N CYS B 157 10.72 8.05 -1.79
CA CYS B 157 11.23 7.69 -3.11
C CYS B 157 12.00 6.39 -3.00
N GLU B 158 12.33 5.82 -4.15
CA GLU B 158 13.09 4.58 -4.21
C GLU B 158 14.24 4.75 -5.18
N ILE B 159 15.44 4.33 -4.79
CA ILE B 159 16.52 4.16 -5.75
C ILE B 159 16.27 2.81 -6.42
N SER B 160 15.96 2.83 -7.72
CA SER B 160 15.73 1.57 -8.41
C SER B 160 17.00 0.72 -8.42
N THR B 161 16.80 -0.58 -8.64
CA THR B 161 17.94 -1.48 -8.85
C THR B 161 18.80 -1.00 -10.03
N ASP B 162 18.15 -0.55 -11.12
CA ASP B 162 18.91 -0.09 -12.29
C ASP B 162 19.77 1.12 -11.95
N THR B 163 19.22 2.07 -11.18
CA THR B 163 19.96 3.27 -10.78
C THR B 163 21.14 2.91 -9.87
N ILE B 164 20.92 2.05 -8.86
CA ILE B 164 22.00 1.65 -7.98
C ILE B 164 23.13 1.02 -8.78
N ILE B 165 22.79 0.16 -9.74
CA ILE B 165 23.80 -0.55 -10.50
C ILE B 165 24.55 0.39 -11.43
N LYS B 166 23.86 1.37 -12.02
CA LYS B 166 24.57 2.33 -12.86
C LYS B 166 25.55 3.16 -12.04
N LEU B 167 25.13 3.62 -10.87
CA LEU B 167 26.03 4.39 -10.01
C LEU B 167 27.24 3.57 -9.58
N PHE B 168 27.04 2.28 -9.32
CA PHE B 168 28.14 1.42 -8.91
C PHE B 168 29.17 1.30 -10.02
N ARG B 169 28.70 1.23 -11.28
CA ARG B 169 29.59 1.05 -12.42
C ARG B 169 30.16 2.36 -12.95
N ASP B 170 29.50 3.48 -12.70
CA ASP B 170 29.92 4.74 -13.28
C ASP B 170 30.84 5.53 -12.35
N CYS B 171 30.66 5.37 -11.05
CA CYS B 171 31.42 6.05 -10.03
C CYS B 171 32.32 5.06 -9.29
N GLU B 172 33.58 5.43 -9.08
CA GLU B 172 34.46 4.49 -8.42
C GLU B 172 34.30 4.52 -6.91
N ASN B 173 33.77 5.60 -6.35
CA ASN B 173 33.63 5.69 -4.90
C ASN B 173 32.39 4.98 -4.38
N ILE B 174 31.36 4.82 -5.20
CA ILE B 174 30.14 4.16 -4.78
C ILE B 174 30.38 2.65 -4.81
N TYR B 175 30.19 1.99 -3.66
CA TYR B 175 30.53 0.58 -3.53
C TYR B 175 29.40 -0.32 -3.02
N GLY B 176 28.23 0.22 -2.70
CA GLY B 176 27.14 -0.62 -2.27
C GLY B 176 25.95 0.20 -1.84
N VAL B 177 24.99 -0.48 -1.21
CA VAL B 177 23.75 0.15 -0.78
C VAL B 177 23.30 -0.47 0.55
N LYS B 178 22.81 0.37 1.44
CA LYS B 178 22.11 -0.10 2.62
C LYS B 178 20.63 -0.19 2.26
N GLU B 179 20.06 -1.39 2.35
CA GLU B 179 18.68 -1.60 1.93
C GLU B 179 17.76 -1.67 3.15
N ALA B 180 16.81 -0.73 3.23
CA ALA B 180 15.80 -0.73 4.28
C ALA B 180 14.42 -0.68 3.62
N SER B 181 14.21 -1.58 2.66
CA SER B 181 12.99 -1.72 1.85
C SER B 181 12.00 -2.73 2.43
N GLY B 182 12.46 -3.72 3.18
CA GLY B 182 11.58 -4.80 3.57
C GLY B 182 11.14 -5.68 2.42
N ASN B 183 12.01 -5.81 1.43
CA ASN B 183 11.69 -6.45 0.16
C ASN B 183 12.96 -7.19 -0.30
N ILE B 184 13.10 -8.44 0.12
CA ILE B 184 14.28 -9.21 -0.23
C ILE B 184 14.33 -9.51 -1.73
N ASP B 185 13.19 -9.38 -2.42
CA ASP B 185 13.19 -9.52 -3.88
C ASP B 185 14.14 -8.51 -4.51
N LYS B 186 14.18 -7.29 -3.98
CA LYS B 186 15.09 -6.29 -4.50
C LYS B 186 16.55 -6.69 -4.24
N CYS B 187 16.83 -7.36 -3.12
CA CYS B 187 18.20 -7.79 -2.87
C CYS B 187 18.62 -8.92 -3.79
N VAL B 188 17.68 -9.81 -4.15
CA VAL B 188 17.96 -10.79 -5.19
C VAL B 188 18.25 -10.11 -6.52
N ASP B 189 17.42 -9.14 -6.88
CA ASP B 189 17.58 -8.39 -8.14
C ASP B 189 18.95 -7.74 -8.24
N LEU B 190 19.37 -7.05 -7.17
CA LEU B 190 20.64 -6.32 -7.19
C LEU B 190 21.81 -7.26 -7.42
N LEU B 191 21.94 -8.28 -6.59
CA LEU B 191 23.13 -9.11 -6.63
C LEU B 191 23.12 -10.08 -7.80
N ALA B 192 21.94 -10.37 -8.36
CA ALA B 192 21.92 -11.27 -9.51
C ALA B 192 22.49 -10.60 -10.74
N HIS B 193 22.34 -9.27 -10.85
CA HIS B 193 22.84 -8.50 -11.97
C HIS B 193 24.17 -7.81 -11.68
N GLU B 194 24.50 -7.60 -10.41
CA GLU B 194 25.75 -6.94 -10.04
C GLU B 194 26.32 -7.63 -8.80
N PRO B 195 26.93 -8.81 -8.98
CA PRO B 195 27.42 -9.56 -7.82
C PRO B 195 28.66 -8.95 -7.16
N ARG B 196 29.18 -7.85 -7.67
CA ARG B 196 30.36 -7.21 -7.10
C ARG B 196 30.05 -6.10 -6.10
N MET B 197 28.78 -5.72 -5.96
CA MET B 197 28.48 -4.64 -5.02
C MET B 197 28.32 -5.17 -3.60
N MET B 198 28.51 -4.29 -2.62
CA MET B 198 28.38 -4.62 -1.20
C MET B 198 26.98 -4.22 -0.75
N LEU B 199 26.09 -5.20 -0.63
CA LEU B 199 24.76 -4.95 -0.11
C LEU B 199 24.75 -5.08 1.41
N ILE B 200 24.27 -4.05 2.07
CA ILE B 200 24.29 -3.93 3.53
C ILE B 200 22.86 -4.00 4.03
N SER B 201 22.61 -4.83 5.05
CA SER B 201 21.27 -4.88 5.60
C SER B 201 21.00 -3.64 6.43
N GLY B 202 19.81 -3.06 6.27
CA GLY B 202 19.42 -1.87 7.02
C GLY B 202 18.21 -2.21 7.86
N GLU B 203 18.13 -3.51 8.14
CA GLU B 203 16.84 -4.16 8.34
C GLU B 203 17.07 -5.40 9.21
N ASP B 204 16.93 -5.15 10.53
CA ASP B 204 17.53 -6.04 11.53
C ASP B 204 16.85 -7.39 11.55
N ALA B 205 15.51 -7.42 11.51
CA ALA B 205 14.81 -8.68 11.61
C ALA B 205 15.22 -9.64 10.50
N ILE B 206 15.65 -9.10 9.36
CA ILE B 206 16.00 -9.95 8.22
C ILE B 206 17.49 -9.83 7.92
N ASN B 207 18.29 -9.63 8.97
CA ASN B 207 19.73 -9.57 8.80
C ASN B 207 20.27 -10.84 8.15
N TYR B 208 19.88 -12.00 8.67
CA TYR B 208 20.42 -13.25 8.13
C TYR B 208 20.01 -13.49 6.67
N PRO B 209 18.74 -13.36 6.29
CA PRO B 209 18.41 -13.60 4.87
C PRO B 209 19.15 -12.68 3.90
N ILE B 210 19.41 -11.43 4.27
CA ILE B 210 20.17 -10.56 3.37
C ILE B 210 21.61 -11.04 3.26
N LEU B 211 22.21 -11.44 4.39
CA LEU B 211 23.57 -11.96 4.34
C LEU B 211 23.62 -13.27 3.58
N SER B 212 22.66 -14.16 3.82
CA SER B 212 22.70 -15.48 3.17
C SER B 212 22.56 -15.38 1.68
N ASN B 213 22.03 -14.26 1.17
CA ASN B 213 21.95 -14.05 -0.27
C ASN B 213 23.19 -13.35 -0.82
N GLY B 214 24.23 -13.16 -0.03
CA GLY B 214 25.44 -12.52 -0.51
C GLY B 214 25.68 -11.13 0.05
N GLY B 215 24.83 -10.66 0.97
CA GLY B 215 25.12 -9.40 1.63
C GLY B 215 26.42 -9.46 2.40
N LYS B 216 27.05 -8.30 2.58
CA LYS B 216 28.37 -8.27 3.18
C LYS B 216 28.42 -7.48 4.49
N GLY B 217 27.27 -7.22 5.09
CA GLY B 217 27.29 -6.54 6.37
C GLY B 217 25.90 -6.04 6.72
N VAL B 218 25.80 -5.50 7.93
CA VAL B 218 24.57 -4.90 8.43
C VAL B 218 24.89 -3.55 9.04
N ILE B 219 23.95 -2.61 8.93
CA ILE B 219 23.97 -1.37 9.69
C ILE B 219 22.77 -1.43 10.61
N SER B 220 22.99 -1.79 11.86
CA SER B 220 21.92 -2.28 12.71
C SER B 220 21.63 -1.31 13.83
N VAL B 221 20.36 -1.27 14.24
CA VAL B 221 19.93 -0.56 15.44
C VAL B 221 20.06 -1.43 16.69
N THR B 222 19.80 -2.73 16.55
CA THR B 222 19.86 -3.62 17.71
C THR B 222 21.25 -3.64 18.34
N SER B 223 22.30 -3.45 17.54
CA SER B 223 23.65 -3.54 18.10
C SER B 223 23.93 -2.44 19.11
N ASN B 224 23.15 -1.36 19.11
CA ASN B 224 23.26 -0.40 20.23
C ASN B 224 23.09 -1.14 21.55
N LEU B 225 22.13 -2.08 21.60
CA LEU B 225 21.81 -2.82 22.80
C LEU B 225 22.60 -4.13 22.90
N LEU B 226 22.67 -4.89 21.82
CA LEU B 226 23.30 -6.21 21.82
C LEU B 226 24.36 -6.27 20.73
N PRO B 227 25.45 -5.51 20.86
CA PRO B 227 26.45 -5.48 19.78
C PRO B 227 27.15 -6.81 19.57
N ASP B 228 27.42 -7.54 20.64
CA ASP B 228 28.13 -8.81 20.53
C ASP B 228 27.35 -9.83 19.71
N MET B 229 26.03 -9.82 19.79
CA MET B 229 25.25 -10.79 19.05
C MET B 229 25.14 -10.40 17.57
N ILE B 230 24.96 -9.12 17.30
CA ILE B 230 24.93 -8.67 15.91
C ILE B 230 26.27 -8.94 15.25
N SER B 231 27.36 -8.72 15.98
CA SER B 231 28.69 -9.00 15.43
C SER B 231 28.88 -10.49 15.17
N ALA B 232 28.47 -11.34 16.11
CA ALA B 232 28.62 -12.79 15.92
C ALA B 232 27.75 -13.27 14.77
N LEU B 233 26.50 -12.79 14.69
CA LEU B 233 25.64 -13.12 13.57
C LEU B 233 26.37 -12.82 12.28
N THR B 234 26.95 -11.63 12.15
CA THR B 234 27.54 -11.21 10.89
C THR B 234 28.71 -12.10 10.50
N HIS B 235 29.59 -12.40 11.44
CA HIS B 235 30.80 -13.14 11.12
C HIS B 235 30.51 -14.61 10.85
N PHE B 236 29.53 -15.17 11.56
CA PHE B 236 29.08 -16.50 11.23
C PHE B 236 28.65 -16.58 9.77
N ALA B 237 27.87 -15.58 9.32
CA ALA B 237 27.35 -15.59 7.95
C ALA B 237 28.47 -15.39 6.92
N LEU B 238 29.38 -14.46 7.19
CA LEU B 238 30.44 -14.17 6.22
C LEU B 238 31.39 -15.35 6.05
N ASP B 239 31.53 -16.21 7.07
CA ASP B 239 32.27 -17.46 6.96
C ASP B 239 31.37 -18.63 6.56
N GLU B 240 30.13 -18.35 6.17
CA GLU B 240 29.16 -19.36 5.70
C GLU B 240 28.81 -20.39 6.78
N ASN B 241 28.88 -19.98 8.04
CA ASN B 241 28.32 -20.76 9.15
C ASN B 241 26.86 -20.33 9.30
N TYR B 242 26.04 -20.83 8.38
CA TYR B 242 24.69 -20.33 8.24
C TYR B 242 23.76 -20.83 9.34
N LYS B 243 23.98 -22.03 9.89
CA LYS B 243 23.14 -22.50 10.98
C LYS B 243 23.37 -21.68 12.25
N GLU B 244 24.62 -21.26 12.54
CA GLU B 244 24.88 -20.47 13.72
C GLU B 244 24.36 -19.05 13.55
N ALA B 245 24.56 -18.45 12.37
CA ALA B 245 24.05 -17.11 12.10
C ALA B 245 22.53 -17.07 12.16
N LYS B 246 21.86 -18.08 11.59
CA LYS B 246 20.40 -18.10 11.64
C LYS B 246 19.90 -18.28 13.06
N LYS B 247 20.58 -19.12 13.84
CA LYS B 247 20.15 -19.33 15.21
C LYS B 247 20.15 -18.02 15.98
N ILE B 248 21.18 -17.18 15.75
CA ILE B 248 21.23 -15.89 16.43
C ILE B 248 20.15 -14.96 15.90
N ASN B 249 19.96 -14.95 14.57
CA ASN B 249 18.89 -14.13 13.98
C ASN B 249 17.54 -14.53 14.57
N ASP B 250 17.31 -15.82 14.80
CA ASP B 250 16.03 -16.23 15.37
C ASP B 250 15.89 -15.77 16.82
N GLU B 251 16.96 -15.87 17.62
CA GLU B 251 16.89 -15.42 19.01
C GLU B 251 16.63 -13.91 19.10
N LEU B 252 17.23 -13.15 18.19
CA LEU B 252 17.10 -11.71 18.21
C LEU B 252 15.77 -11.21 17.67
N TYR B 253 14.89 -12.08 17.18
CA TYR B 253 13.71 -11.60 16.48
C TYR B 253 12.83 -10.73 17.39
N ASN B 254 12.55 -11.21 18.61
CA ASN B 254 11.63 -10.50 19.50
C ASN B 254 12.14 -9.10 19.79
N ILE B 255 13.43 -8.97 20.13
CA ILE B 255 13.99 -7.64 20.38
C ILE B 255 14.12 -6.87 19.07
N ASN B 256 14.42 -7.54 17.96
CA ASN B 256 14.53 -6.86 16.67
C ASN B 256 13.21 -6.22 16.26
N LYS B 257 12.07 -6.85 16.58
CA LYS B 257 10.79 -6.27 16.20
C LYS B 257 10.33 -5.20 17.19
N ILE B 258 10.42 -5.48 18.50
CA ILE B 258 9.91 -4.52 19.49
C ILE B 258 10.64 -3.19 19.40
N LEU B 259 11.87 -3.19 18.87
CA LEU B 259 12.61 -1.94 18.69
C LEU B 259 12.01 -1.05 17.60
N PHE B 260 10.86 -1.42 17.01
CA PHE B 260 10.14 -0.57 16.07
C PHE B 260 8.65 -0.51 16.40
N CYS B 261 8.26 -0.83 17.64
CA CYS B 261 6.88 -0.60 18.06
C CYS B 261 6.45 0.85 17.85
N GLU B 262 7.37 1.79 18.03
CA GLU B 262 7.24 3.17 17.56
C GLU B 262 8.45 3.45 16.68
N SER B 263 8.50 4.65 16.09
CA SER B 263 9.53 4.93 15.10
C SER B 263 10.91 4.97 15.74
N ASN B 264 11.84 4.29 15.10
CA ASN B 264 13.24 4.35 15.49
C ASN B 264 13.75 5.79 15.34
N PRO B 265 14.53 6.30 16.29
CA PRO B 265 15.12 5.62 17.45
C PRO B 265 14.39 5.74 18.77
N ILE B 266 13.06 5.91 18.78
CA ILE B 266 12.35 6.00 20.05
C ILE B 266 12.47 4.72 20.87
N PRO B 267 12.20 3.52 20.33
CA PRO B 267 12.33 2.32 21.16
C PRO B 267 13.75 2.03 21.60
N ILE B 268 14.73 2.16 20.69
CA ILE B 268 16.10 1.76 21.02
C ILE B 268 16.66 2.64 22.13
N LYS B 269 16.38 3.94 22.09
CA LYS B 269 16.85 4.85 23.14
C LYS B 269 16.17 4.55 24.46
N THR B 270 14.88 4.21 24.42
CA THR B 270 14.23 3.73 25.62
C THR B 270 14.91 2.47 26.14
N ALA B 271 15.28 1.55 25.22
CA ALA B 271 15.94 0.32 25.66
C ALA B 271 17.31 0.60 26.28
N MET B 272 18.11 1.48 25.66
CA MET B 272 19.41 1.81 26.24
C MET B 272 19.25 2.44 27.63
N TYR B 273 18.19 3.23 27.82
CA TYR B 273 17.97 3.84 29.13
C TYR B 273 17.52 2.80 30.16
N LEU B 274 16.61 1.90 29.77
CA LEU B 274 16.20 0.83 30.68
C LEU B 274 17.38 -0.04 31.07
N ALA B 275 18.34 -0.22 30.17
CA ALA B 275 19.51 -1.04 30.48
C ALA B 275 20.55 -0.27 31.27
N GLY B 276 20.28 0.98 31.63
CA GLY B 276 21.24 1.79 32.35
C GLY B 276 22.48 2.19 31.57
N LEU B 277 22.42 2.20 30.23
CA LEU B 277 23.59 2.56 29.44
C LEU B 277 23.64 4.05 29.12
N ILE B 278 22.53 4.73 29.38
CA ILE B 278 22.44 6.18 29.29
C ILE B 278 21.73 6.60 30.56
N GLU B 279 22.12 7.75 31.07
CA GLU B 279 21.59 8.22 32.30
C GLU B 279 20.30 8.96 32.13
N SER B 280 20.04 9.43 30.93
CA SER B 280 18.87 10.21 30.67
C SER B 280 18.17 9.82 29.40
N LEU B 281 16.86 9.91 29.40
CA LEU B 281 16.02 9.52 28.28
C LEU B 281 15.46 10.79 27.66
N GLU B 282 16.28 11.47 26.86
CA GLU B 282 15.90 12.74 26.25
C GLU B 282 15.86 12.59 24.73
N PHE B 283 14.82 13.16 24.13
CA PHE B 283 14.73 13.32 22.69
C PHE B 283 14.65 14.80 22.35
N ARG B 284 14.79 15.11 21.07
CA ARG B 284 14.51 16.45 20.57
C ARG B 284 13.24 16.37 19.73
N LEU B 285 12.33 17.32 19.98
CA LEU B 285 11.09 17.35 19.24
C LEU B 285 11.37 17.43 17.73
N PRO B 286 10.52 16.81 16.90
CA PRO B 286 9.24 16.15 17.21
C PRO B 286 9.31 14.74 17.79
N LEU B 287 10.50 14.24 18.12
CA LEU B 287 10.58 12.95 18.78
C LEU B 287 10.30 13.11 20.27
N CYS B 288 9.71 12.07 20.87
CA CYS B 288 9.35 12.11 22.28
C CYS B 288 9.42 10.70 22.84
N SER B 289 9.29 10.57 24.16
CA SER B 289 9.28 9.25 24.77
C SER B 289 8.04 8.47 24.36
N PRO B 290 8.10 7.13 24.33
CA PRO B 290 6.97 6.35 23.85
C PRO B 290 5.82 6.33 24.83
N SER B 291 4.79 5.59 24.47
CA SER B 291 3.64 5.41 25.30
C SER B 291 3.92 4.50 26.47
N LYS B 292 3.11 4.59 27.52
CA LYS B 292 3.29 3.77 28.69
C LYS B 292 3.18 2.30 28.37
N GLU B 293 2.30 1.94 27.47
CA GLU B 293 2.17 0.56 27.08
C GLU B 293 3.38 0.11 26.29
N ASN B 294 3.84 0.90 25.34
CA ASN B 294 5.03 0.54 24.58
C ASN B 294 6.28 0.55 25.46
N PHE B 295 6.33 1.44 26.46
CA PHE B 295 7.39 1.40 27.45
C PHE B 295 7.41 0.04 28.16
N ALA B 296 6.23 -0.44 28.59
CA ALA B 296 6.15 -1.74 29.25
C ALA B 296 6.48 -2.88 28.29
N LYS B 297 6.12 -2.74 27.01
CA LYS B 297 6.39 -3.81 26.06
C LYS B 297 7.89 -3.96 25.80
N ILE B 298 8.61 -2.85 25.65
CA ILE B 298 10.05 -2.92 25.45
C ILE B 298 10.72 -3.54 26.68
N GLU B 299 10.36 -3.07 27.88
CA GLU B 299 10.99 -3.54 29.11
C GLU B 299 10.75 -5.02 29.36
N GLU B 300 9.65 -5.56 28.84
CA GLU B 300 9.31 -6.96 29.04
C GLU B 300 10.00 -7.85 28.03
N VAL B 301 10.24 -7.34 26.82
CA VAL B 301 11.03 -8.09 25.86
C VAL B 301 12.48 -8.13 26.32
N MET B 302 12.95 -7.08 26.93
CA MET B 302 14.32 -6.98 27.39
C MET B 302 14.71 -7.99 28.42
N LYS B 303 13.77 -8.37 29.26
CA LYS B 303 14.03 -9.29 30.34
C LYS B 303 14.56 -10.67 29.98
N LYS B 304 14.26 -11.16 28.79
CA LYS B 304 14.73 -12.42 28.37
C LYS B 304 16.05 -12.32 27.64
N TYR B 305 16.65 -11.15 27.53
CA TYR B 305 17.91 -11.09 26.85
C TYR B 305 18.98 -10.72 27.81
N LYS B 306 20.21 -11.02 27.45
CA LYS B 306 21.33 -10.63 28.28
C LYS B 306 21.93 -9.38 27.67
N ILE B 307 22.02 -8.32 28.47
CA ILE B 307 22.51 -7.04 27.97
C ILE B 307 23.83 -6.75 28.67
N LYS B 308 24.86 -6.67 27.86
CA LYS B 308 26.23 -6.49 28.29
C LYS B 308 26.50 -5.04 28.67
N GLY B 309 27.30 -4.84 29.72
CA GLY B 309 27.59 -3.52 30.21
C GLY B 309 28.80 -2.87 29.57
N PHE B 310 29.38 -1.91 30.30
CA PHE B 310 30.61 -1.27 29.89
C PHE B 310 31.82 -2.05 30.40
N LYS C 15 4.55 -35.67 12.64
CA LYS C 15 3.67 -35.24 11.56
C LYS C 15 4.06 -35.82 10.19
N ASN C 16 3.06 -36.13 9.37
CA ASN C 16 3.28 -36.53 7.98
C ASN C 16 3.43 -35.28 7.13
N ILE C 17 4.50 -35.21 6.33
CA ILE C 17 4.82 -33.99 5.60
C ILE C 17 4.97 -34.28 4.11
N ILE C 18 4.81 -33.22 3.31
CA ILE C 18 5.06 -33.23 1.87
C ILE C 18 5.92 -32.01 1.57
N ILE C 19 7.19 -32.25 1.22
CA ILE C 19 8.14 -31.16 1.07
C ILE C 19 8.94 -31.34 -0.22
N GLY C 20 9.94 -30.48 -0.41
CA GLY C 20 10.81 -30.53 -1.56
C GLY C 20 10.38 -29.60 -2.69
N ALA C 21 10.89 -29.91 -3.87
CA ALA C 21 10.61 -29.11 -5.05
C ALA C 21 9.30 -29.55 -5.67
N MET C 22 8.30 -28.65 -5.70
CA MET C 22 6.96 -28.98 -6.17
C MET C 22 6.53 -28.02 -7.26
N THR C 23 5.61 -28.49 -8.12
CA THR C 23 5.19 -27.76 -9.29
C THR C 23 3.69 -27.48 -9.21
N ALA C 24 3.32 -26.22 -9.41
CA ALA C 24 1.93 -25.81 -9.54
C ALA C 24 1.53 -26.02 -11.00
N LEU C 25 0.88 -27.13 -11.30
CA LEU C 25 0.61 -27.55 -12.67
C LEU C 25 -0.32 -26.59 -13.40
N ILE C 26 0.01 -26.30 -14.66
CA ILE C 26 -0.94 -25.64 -15.55
C ILE C 26 -1.95 -26.66 -16.07
N THR C 27 -3.10 -26.16 -16.52
CA THR C 27 -4.14 -27.02 -17.09
C THR C 27 -4.25 -26.73 -18.59
N PRO C 28 -3.71 -27.59 -19.45
CA PRO C 28 -3.78 -27.32 -20.90
C PRO C 28 -5.17 -27.58 -21.44
N PHE C 29 -5.66 -26.67 -22.26
CA PHE C 29 -6.95 -26.83 -22.86
C PHE C 29 -6.85 -27.08 -24.36
N LYS C 30 -7.78 -27.83 -24.91
CA LYS C 30 -7.83 -28.07 -26.35
C LYS C 30 -9.30 -27.97 -26.69
N ASN C 31 -9.63 -27.04 -27.57
CA ASN C 31 -11.03 -26.76 -27.95
C ASN C 31 -11.92 -26.54 -26.73
N GLY C 32 -11.53 -25.66 -25.83
CA GLY C 32 -12.24 -25.34 -24.61
C GLY C 32 -12.25 -26.46 -23.62
N LYS C 33 -11.64 -27.61 -23.95
CA LYS C 33 -11.77 -28.80 -23.14
C LYS C 33 -10.41 -29.15 -22.52
N VAL C 34 -10.42 -29.90 -21.42
CA VAL C 34 -9.17 -30.22 -20.76
C VAL C 34 -8.43 -31.27 -21.58
N ASP C 35 -7.20 -30.97 -21.98
CA ASP C 35 -6.41 -31.93 -22.75
C ASP C 35 -5.82 -32.96 -21.79
N GLU C 36 -6.59 -34.04 -21.57
CA GLU C 36 -6.22 -35.01 -20.53
C GLU C 36 -4.93 -35.74 -20.88
N GLN C 37 -4.76 -36.13 -22.15
CA GLN C 37 -3.55 -36.85 -22.50
C GLN C 37 -2.34 -35.93 -22.43
N SER C 38 -2.52 -34.66 -22.82
CA SER C 38 -1.50 -33.66 -22.57
C SER C 38 -1.25 -33.50 -21.08
N TYR C 39 -2.32 -33.54 -20.27
CA TYR C 39 -2.14 -33.35 -18.82
C TYR C 39 -1.31 -34.46 -18.20
N ALA C 40 -1.52 -35.69 -18.59
CA ALA C 40 -0.75 -36.76 -18.04
C ALA C 40 0.70 -36.63 -18.38
N ARG C 41 0.98 -36.16 -19.57
CA ARG C 41 2.33 -36.08 -20.01
C ARG C 41 3.11 -34.91 -19.49
N LEU C 42 2.44 -33.91 -18.98
CA LEU C 42 3.14 -32.78 -18.44
C LEU C 42 3.62 -33.16 -17.08
N ILE C 43 2.88 -34.05 -16.43
CA ILE C 43 3.26 -34.60 -15.14
C ILE C 43 4.41 -35.58 -15.30
N LYS C 44 4.40 -36.37 -16.36
CA LYS C 44 5.53 -37.27 -16.60
C LYS C 44 6.81 -36.49 -16.84
N ARG C 45 6.72 -35.36 -17.53
CA ARG C 45 7.91 -34.55 -17.76
C ARG C 45 8.47 -34.02 -16.44
N GLN C 46 7.58 -33.53 -15.56
CA GLN C 46 8.02 -33.07 -14.25
C GLN C 46 8.67 -34.19 -13.47
N ILE C 47 8.07 -35.39 -13.51
CA ILE C 47 8.62 -36.55 -12.82
C ILE C 47 10.01 -36.88 -13.34
N GLU C 48 10.18 -36.87 -14.66
CA GLU C 48 11.49 -37.22 -15.21
C GLU C 48 12.55 -36.15 -14.95
N ASN C 49 12.20 -35.02 -14.33
CA ASN C 49 13.14 -33.92 -14.14
C ASN C 49 13.39 -33.59 -12.66
N GLY C 50 13.20 -34.56 -11.77
CA GLY C 50 13.59 -34.41 -10.38
C GLY C 50 12.60 -33.72 -9.48
N ILE C 51 11.35 -33.56 -9.91
CA ILE C 51 10.34 -32.87 -9.10
C ILE C 51 9.83 -33.81 -8.01
N ASP C 52 9.65 -33.28 -6.80
CA ASP C 52 9.25 -34.09 -5.66
C ASP C 52 7.73 -34.22 -5.50
N ALA C 53 6.95 -33.26 -5.99
CA ALA C 53 5.51 -33.30 -5.85
C ALA C 53 4.87 -32.43 -6.92
N VAL C 54 3.60 -32.69 -7.21
CA VAL C 54 2.84 -31.88 -8.15
C VAL C 54 1.59 -31.33 -7.46
N VAL C 55 1.22 -30.11 -7.82
CA VAL C 55 0.02 -29.48 -7.29
C VAL C 55 -0.96 -29.34 -8.44
N PRO C 56 -1.88 -30.28 -8.59
CA PRO C 56 -2.92 -30.15 -9.62
C PRO C 56 -4.00 -29.17 -9.20
N VAL C 57 -4.65 -28.57 -10.19
CA VAL C 57 -5.86 -27.74 -10.05
C VAL C 57 -5.73 -26.72 -8.93
N GLY C 58 -4.60 -26.00 -8.88
CA GLY C 58 -4.45 -24.86 -8.03
C GLY C 58 -4.67 -23.55 -8.77
N THR C 59 -4.09 -22.48 -8.22
CA THR C 59 -4.20 -21.16 -8.86
C THR C 59 -3.64 -21.20 -10.28
N THR C 60 -2.44 -21.75 -10.43
CA THR C 60 -1.80 -21.85 -11.74
C THR C 60 -2.56 -22.80 -12.66
N GLY C 61 -3.33 -23.72 -12.10
CA GLY C 61 -4.15 -24.62 -12.89
C GLY C 61 -5.50 -24.06 -13.27
N GLU C 62 -5.73 -22.76 -13.03
CA GLU C 62 -6.99 -22.08 -13.36
C GLU C 62 -8.17 -22.71 -12.62
N SER C 63 -7.99 -22.94 -11.32
CA SER C 63 -8.99 -23.64 -10.52
C SER C 63 -10.32 -22.91 -10.54
N ALA C 64 -10.31 -21.58 -10.65
CA ALA C 64 -11.54 -20.81 -10.59
C ALA C 64 -12.46 -21.10 -11.78
N THR C 65 -11.89 -21.46 -12.93
CA THR C 65 -12.71 -21.65 -14.12
C THR C 65 -12.97 -23.11 -14.47
N LEU C 66 -12.52 -24.05 -13.63
CA LEU C 66 -12.77 -25.46 -13.89
C LEU C 66 -14.10 -25.92 -13.28
N THR C 67 -14.83 -26.75 -14.01
CA THR C 67 -16.00 -27.41 -13.43
C THR C 67 -15.57 -28.41 -12.35
N HIS C 68 -16.56 -28.87 -11.58
CA HIS C 68 -16.24 -29.78 -10.50
C HIS C 68 -15.86 -31.16 -11.00
N GLU C 69 -16.21 -31.49 -12.24
CA GLU C 69 -15.79 -32.77 -12.78
C GLU C 69 -14.39 -32.70 -13.37
N GLU C 70 -14.03 -31.58 -14.01
CA GLU C 70 -12.67 -31.41 -14.47
C GLU C 70 -11.70 -31.31 -13.31
N HIS C 71 -12.17 -30.78 -12.18
CA HIS C 71 -11.38 -30.76 -10.94
C HIS C 71 -10.98 -32.18 -10.55
N ARG C 72 -11.97 -33.06 -10.43
CA ARG C 72 -11.72 -34.48 -10.18
C ARG C 72 -10.80 -35.12 -11.18
N THR C 73 -11.11 -34.99 -12.47
CA THR C 73 -10.40 -35.76 -13.46
C THR C 73 -8.92 -35.46 -13.43
N CYS C 74 -8.56 -34.20 -13.17
CA CYS C 74 -7.15 -33.82 -13.20
C CYS C 74 -6.42 -34.35 -11.97
N ILE C 75 -7.11 -34.40 -10.83
CA ILE C 75 -6.52 -35.02 -9.65
C ILE C 75 -6.33 -36.52 -9.88
N GLU C 76 -7.31 -37.17 -10.49
CA GLU C 76 -7.16 -38.59 -10.76
C GLU C 76 -6.02 -38.86 -11.73
N ILE C 77 -5.87 -38.00 -12.74
CA ILE C 77 -4.77 -38.16 -13.68
C ILE C 77 -3.43 -37.96 -12.95
N ALA C 78 -3.34 -36.95 -12.10
CA ALA C 78 -2.13 -36.77 -11.31
C ALA C 78 -1.86 -37.97 -10.41
N VAL C 79 -2.88 -38.45 -9.71
CA VAL C 79 -2.69 -39.56 -8.78
C VAL C 79 -2.25 -40.81 -9.54
N GLU C 80 -2.72 -40.98 -10.77
CA GLU C 80 -2.38 -42.20 -11.50
C GLU C 80 -1.04 -42.10 -12.20
N THR C 81 -0.62 -40.90 -12.59
CA THR C 81 0.68 -40.72 -13.23
C THR C 81 1.83 -40.81 -12.24
N CYS C 82 1.59 -40.46 -10.98
CA CYS C 82 2.64 -40.51 -9.97
C CYS C 82 2.72 -41.87 -9.28
N LYS C 83 1.79 -42.77 -9.55
CA LYS C 83 1.83 -44.07 -8.93
C LYS C 83 3.09 -44.80 -9.41
N GLY C 84 3.89 -45.30 -8.47
CA GLY C 84 5.13 -45.99 -8.77
C GLY C 84 6.35 -45.10 -8.89
N THR C 85 6.26 -43.84 -8.48
CA THR C 85 7.37 -42.91 -8.42
C THR C 85 7.45 -42.32 -7.01
N LYS C 86 8.50 -41.53 -6.77
CA LYS C 86 8.65 -40.86 -5.48
C LYS C 86 7.89 -39.54 -5.41
N VAL C 87 7.16 -39.18 -6.46
CA VAL C 87 6.48 -37.89 -6.53
C VAL C 87 5.14 -37.97 -5.80
N LYS C 88 4.90 -37.01 -4.88
CA LYS C 88 3.64 -36.96 -4.15
C LYS C 88 2.67 -36.00 -4.83
N VAL C 89 1.38 -36.20 -4.56
CA VAL C 89 0.33 -35.37 -5.13
C VAL C 89 -0.29 -34.51 -4.02
N LEU C 90 -0.06 -33.20 -4.09
CA LEU C 90 -0.64 -32.25 -3.17
C LEU C 90 -1.82 -31.59 -3.87
N ALA C 91 -3.03 -32.10 -3.63
CA ALA C 91 -4.21 -31.68 -4.39
C ALA C 91 -4.72 -30.33 -3.91
N GLY C 92 -5.12 -29.50 -4.85
CA GLY C 92 -5.75 -28.24 -4.51
C GLY C 92 -7.16 -28.47 -3.98
N ALA C 93 -7.46 -27.89 -2.81
CA ALA C 93 -8.77 -28.10 -2.20
C ALA C 93 -9.28 -26.89 -1.43
N GLY C 94 -8.77 -25.68 -1.69
CA GLY C 94 -9.24 -24.54 -0.93
C GLY C 94 -10.52 -23.95 -1.50
N SER C 95 -11.21 -23.20 -0.65
CA SER C 95 -12.43 -22.48 -1.00
C SER C 95 -12.70 -21.45 0.08
N ASN C 96 -13.46 -20.41 -0.29
CA ASN C 96 -13.82 -19.38 0.67
C ASN C 96 -15.06 -19.71 1.48
N ALA C 97 -15.65 -20.89 1.26
CA ALA C 97 -16.76 -21.39 2.08
C ALA C 97 -16.27 -22.64 2.78
N THR C 98 -16.36 -22.65 4.12
CA THR C 98 -15.78 -23.73 4.91
C THR C 98 -16.41 -25.08 4.57
N HIS C 99 -17.73 -25.11 4.42
CA HIS C 99 -18.41 -26.35 4.06
C HIS C 99 -17.86 -26.93 2.76
N GLU C 100 -17.60 -26.08 1.76
CA GLU C 100 -17.09 -26.60 0.50
C GLU C 100 -15.66 -27.11 0.62
N ALA C 101 -14.80 -26.38 1.33
CA ALA C 101 -13.41 -26.81 1.46
C ALA C 101 -13.32 -28.13 2.22
N VAL C 102 -14.25 -28.39 3.15
CA VAL C 102 -14.30 -29.69 3.81
C VAL C 102 -14.63 -30.79 2.80
N GLY C 103 -15.62 -30.54 1.94
CA GLY C 103 -15.93 -31.50 0.90
C GLY C 103 -14.78 -31.72 -0.08
N LEU C 104 -14.13 -30.62 -0.51
CA LEU C 104 -13.01 -30.76 -1.44
C LEU C 104 -11.85 -31.50 -0.80
N ALA C 105 -11.63 -31.27 0.50
CA ALA C 105 -10.62 -32.06 1.22
C ALA C 105 -11.02 -33.53 1.23
N LYS C 106 -12.29 -33.82 1.61
CA LYS C 106 -12.75 -35.20 1.65
C LYS C 106 -12.62 -35.87 0.30
N PHE C 107 -12.81 -35.12 -0.78
CA PHE C 107 -12.71 -35.72 -2.10
C PHE C 107 -11.26 -36.06 -2.46
N ALA C 108 -10.34 -35.15 -2.17
CA ALA C 108 -8.93 -35.40 -2.49
C ALA C 108 -8.39 -36.62 -1.74
N LYS C 109 -8.86 -36.84 -0.51
CA LYS C 109 -8.32 -37.97 0.23
C LYS C 109 -8.87 -39.28 -0.31
N GLU C 110 -10.16 -39.31 -0.64
CA GLU C 110 -10.78 -40.53 -1.13
C GLU C 110 -10.24 -40.97 -2.48
N HIS C 111 -9.60 -40.07 -3.21
CA HIS C 111 -9.09 -40.38 -4.54
C HIS C 111 -7.57 -40.47 -4.57
N GLY C 112 -6.94 -40.59 -3.41
CA GLY C 112 -5.55 -40.99 -3.34
C GLY C 112 -4.51 -39.88 -3.36
N ALA C 113 -4.90 -38.64 -3.10
CA ALA C 113 -3.92 -37.57 -2.94
C ALA C 113 -3.07 -37.82 -1.69
N ASP C 114 -1.83 -37.30 -1.71
CA ASP C 114 -0.96 -37.42 -0.55
C ASP C 114 -1.21 -36.33 0.48
N GLY C 115 -1.67 -35.18 0.03
CA GLY C 115 -2.03 -34.07 0.90
C GLY C 115 -2.83 -33.08 0.09
N ILE C 116 -3.25 -32.02 0.77
CA ILE C 116 -4.04 -30.97 0.13
C ILE C 116 -3.41 -29.62 0.38
N LEU C 117 -3.43 -28.78 -0.66
CA LEU C 117 -3.16 -27.35 -0.53
C LEU C 117 -4.51 -26.66 -0.33
N SER C 118 -4.55 -25.69 0.57
CA SER C 118 -5.82 -25.06 0.94
C SER C 118 -5.61 -23.55 1.10
N VAL C 119 -6.05 -22.78 0.10
CA VAL C 119 -5.83 -21.33 0.10
C VAL C 119 -6.70 -20.65 1.14
N ALA C 120 -6.20 -19.55 1.70
CA ALA C 120 -6.99 -18.80 2.65
C ALA C 120 -8.27 -18.30 1.99
N PRO C 121 -9.39 -18.32 2.69
CA PRO C 121 -10.64 -17.81 2.10
C PRO C 121 -10.45 -16.42 1.51
N PHE C 122 -10.93 -16.27 0.27
CA PHE C 122 -10.75 -15.08 -0.54
C PHE C 122 -12.09 -14.36 -0.68
N TYR C 123 -12.01 -13.05 -0.92
CA TYR C 123 -13.15 -12.16 -1.14
C TYR C 123 -13.95 -11.87 0.15
N ASN C 124 -14.30 -12.87 0.93
CA ASN C 124 -15.14 -12.57 2.09
C ASN C 124 -14.35 -12.12 3.32
N LYS C 125 -13.02 -12.00 3.24
CA LYS C 125 -12.21 -11.38 4.28
C LYS C 125 -12.50 -11.86 5.69
N PRO C 126 -12.34 -13.13 5.99
CA PRO C 126 -12.61 -13.60 7.36
C PRO C 126 -11.60 -13.02 8.38
N THR C 127 -12.02 -12.99 9.63
CA THR C 127 -11.11 -12.60 10.70
C THR C 127 -10.18 -13.75 11.06
N GLN C 128 -9.18 -13.45 11.90
CA GLN C 128 -8.25 -14.48 12.36
C GLN C 128 -8.99 -15.58 13.10
N GLN C 129 -9.99 -15.21 13.91
CA GLN C 129 -10.84 -16.19 14.56
C GLN C 129 -11.52 -17.09 13.53
N GLY C 130 -12.09 -16.47 12.49
CA GLY C 130 -12.76 -17.25 11.46
C GLY C 130 -11.80 -18.15 10.69
N LEU C 131 -10.60 -17.64 10.41
CA LEU C 131 -9.59 -18.43 9.71
C LEU C 131 -9.20 -19.66 10.52
N TYR C 132 -9.02 -19.50 11.82
CA TYR C 132 -8.71 -20.65 12.66
C TYR C 132 -9.83 -21.67 12.60
N GLU C 133 -11.09 -21.21 12.69
CA GLU C 133 -12.20 -22.15 12.71
C GLU C 133 -12.41 -22.82 11.36
N HIS C 134 -12.10 -22.11 10.28
CA HIS C 134 -12.17 -22.66 8.92
C HIS C 134 -11.20 -23.83 8.76
N TYR C 135 -9.92 -23.58 9.06
CA TYR C 135 -8.89 -24.59 8.86
C TYR C 135 -9.00 -25.72 9.87
N LYS C 136 -9.45 -25.45 11.09
CA LYS C 136 -9.65 -26.52 12.05
C LYS C 136 -10.77 -27.44 11.61
N ALA C 137 -11.80 -26.90 10.96
CA ALA C 137 -12.85 -27.77 10.44
C ALA C 137 -12.31 -28.65 9.32
N ILE C 138 -11.50 -28.07 8.42
CA ILE C 138 -10.90 -28.85 7.34
C ILE C 138 -9.95 -29.91 7.91
N ALA C 139 -9.06 -29.49 8.82
CA ALA C 139 -8.07 -30.42 9.37
C ALA C 139 -8.76 -31.58 10.06
N GLN C 140 -9.90 -31.34 10.69
CA GLN C 140 -10.65 -32.40 11.36
C GLN C 140 -11.57 -33.15 10.41
N SER C 141 -11.58 -32.77 9.14
CA SER C 141 -12.37 -33.45 8.11
C SER C 141 -11.71 -34.68 7.50
N VAL C 142 -10.40 -34.67 7.27
CA VAL C 142 -9.70 -35.77 6.58
C VAL C 142 -8.44 -36.07 7.36
N ASP C 143 -7.83 -37.22 7.10
CA ASP C 143 -6.74 -37.54 7.99
C ASP C 143 -5.40 -37.48 7.20
N ILE C 144 -5.33 -36.64 6.16
CA ILE C 144 -4.17 -36.43 5.27
C ILE C 144 -3.56 -35.06 5.55
N PRO C 145 -2.24 -34.90 5.29
CA PRO C 145 -1.57 -33.61 5.53
C PRO C 145 -2.26 -32.45 4.82
N VAL C 146 -2.27 -31.30 5.49
CA VAL C 146 -2.88 -30.08 4.98
C VAL C 146 -1.82 -28.98 5.02
N LEU C 147 -1.56 -28.36 3.88
CA LEU C 147 -0.62 -27.26 3.78
C LEU C 147 -1.41 -25.97 3.52
N LEU C 148 -1.30 -25.02 4.44
CA LEU C 148 -1.96 -23.73 4.24
C LEU C 148 -1.31 -22.94 3.12
N TYR C 149 -2.07 -22.00 2.57
CA TYR C 149 -1.61 -21.17 1.47
C TYR C 149 -2.02 -19.73 1.75
N ASN C 150 -1.05 -18.85 1.92
CA ASN C 150 -1.27 -17.45 2.25
C ASN C 150 -0.81 -16.60 1.07
N VAL C 151 -1.74 -15.97 0.38
CA VAL C 151 -1.45 -15.14 -0.79
C VAL C 151 -2.34 -13.90 -0.71
N PRO C 152 -1.99 -12.93 0.15
CA PRO C 152 -2.93 -11.82 0.42
C PRO C 152 -3.25 -10.96 -0.78
N GLY C 153 -2.35 -10.88 -1.77
CA GLY C 153 -2.64 -10.08 -2.94
C GLY C 153 -3.82 -10.59 -3.74
N ARG C 154 -4.16 -11.86 -3.62
CA ARG C 154 -5.30 -12.43 -4.34
C ARG C 154 -6.53 -12.64 -3.48
N THR C 155 -6.35 -12.90 -2.18
CA THR C 155 -7.48 -13.26 -1.33
C THR C 155 -8.10 -12.08 -0.64
N GLY C 156 -7.32 -11.03 -0.39
CA GLY C 156 -7.79 -9.92 0.40
C GLY C 156 -7.63 -10.10 1.90
N CYS C 157 -7.05 -11.20 2.34
CA CYS C 157 -6.77 -11.40 3.75
C CYS C 157 -5.43 -12.11 3.91
N GLU C 158 -4.93 -12.10 5.14
CA GLU C 158 -3.66 -12.72 5.48
C GLU C 158 -3.83 -13.56 6.72
N ILE C 159 -3.30 -14.78 6.69
CA ILE C 159 -3.22 -15.63 7.89
C ILE C 159 -2.02 -15.16 8.70
N SER C 160 -2.28 -14.55 9.86
CA SER C 160 -1.22 -14.06 10.71
C SER C 160 -0.31 -15.20 11.18
N THR C 161 0.91 -14.81 11.60
CA THR C 161 1.85 -15.78 12.17
C THR C 161 1.25 -16.50 13.36
N ASP C 162 0.54 -15.76 14.22
CA ASP C 162 -0.04 -16.36 15.41
C ASP C 162 -1.11 -17.39 15.04
N THR C 163 -1.94 -17.10 14.04
CA THR C 163 -2.96 -18.07 13.63
C THR C 163 -2.32 -19.34 13.07
N ILE C 164 -1.30 -19.18 12.21
CA ILE C 164 -0.62 -20.34 11.63
C ILE C 164 -0.06 -21.23 12.73
N ILE C 165 0.59 -20.66 13.70
CA ILE C 165 1.16 -21.42 14.77
C ILE C 165 0.11 -22.12 15.61
N LYS C 166 -0.99 -21.48 15.89
CA LYS C 166 -2.00 -22.12 16.68
C LYS C 166 -2.55 -23.29 15.94
N LEU C 167 -2.80 -23.14 14.67
CA LEU C 167 -3.29 -24.25 13.87
C LEU C 167 -2.28 -25.38 13.80
N PHE C 168 -0.99 -25.05 13.69
CA PHE C 168 0.04 -26.07 13.61
C PHE C 168 0.09 -26.91 14.88
N ARG C 169 -0.08 -26.28 16.04
CA ARG C 169 0.00 -27.02 17.30
C ARG C 169 -1.32 -27.65 17.72
N ASP C 170 -2.44 -27.14 17.22
CA ASP C 170 -3.72 -27.64 17.66
C ASP C 170 -4.21 -28.75 16.75
N CYS C 171 -3.84 -28.75 15.49
CA CYS C 171 -4.27 -29.79 14.57
C CYS C 171 -3.07 -30.63 14.17
N GLU C 172 -3.23 -31.95 14.23
CA GLU C 172 -2.08 -32.74 13.86
C GLU C 172 -1.87 -32.81 12.35
N ASN C 173 -2.92 -32.54 11.56
CA ASN C 173 -2.79 -32.68 10.11
C ASN C 173 -2.16 -31.47 9.44
N ILE C 174 -2.23 -30.29 10.06
CA ILE C 174 -1.63 -29.10 9.49
C ILE C 174 -0.13 -29.13 9.79
N TYR C 175 0.69 -29.06 8.75
CA TYR C 175 2.12 -29.24 8.91
C TYR C 175 2.97 -28.09 8.36
N GLY C 176 2.37 -27.08 7.75
CA GLY C 176 3.13 -25.97 7.25
C GLY C 176 2.27 -24.99 6.46
N VAL C 177 2.95 -24.08 5.76
CA VAL C 177 2.30 -23.02 5.00
C VAL C 177 3.10 -22.73 3.73
N LYS C 178 2.39 -22.49 2.64
CA LYS C 178 2.95 -21.89 1.42
C LYS C 178 2.76 -20.38 1.49
N GLU C 179 3.86 -19.65 1.50
CA GLU C 179 3.84 -18.20 1.67
C GLU C 179 4.08 -17.51 0.33
N ALA C 180 3.11 -16.71 -0.09
CA ALA C 180 3.23 -15.85 -1.28
C ALA C 180 2.88 -14.41 -0.92
N SER C 181 3.44 -13.92 0.20
CA SER C 181 3.24 -12.55 0.63
C SER C 181 4.36 -11.61 0.19
N GLY C 182 5.53 -12.15 -0.17
CA GLY C 182 6.66 -11.29 -0.46
C GLY C 182 7.21 -10.57 0.75
N ASN C 183 7.23 -11.24 1.90
CA ASN C 183 7.57 -10.61 3.17
C ASN C 183 8.44 -11.61 3.89
N ILE C 184 9.75 -11.50 3.68
CA ILE C 184 10.67 -12.46 4.29
C ILE C 184 10.68 -12.30 5.81
N ASP C 185 10.28 -11.13 6.32
CA ASP C 185 10.13 -10.94 7.76
C ASP C 185 9.14 -11.92 8.34
N LYS C 186 8.03 -12.17 7.63
CA LYS C 186 7.04 -13.11 8.16
C LYS C 186 7.61 -14.52 8.26
N CYS C 187 8.49 -14.93 7.34
CA CYS C 187 9.02 -16.27 7.40
C CYS C 187 10.03 -16.42 8.54
N VAL C 188 10.79 -15.37 8.81
CA VAL C 188 11.62 -15.35 10.01
C VAL C 188 10.75 -15.47 11.25
N ASP C 189 9.66 -14.69 11.29
CA ASP C 189 8.71 -14.76 12.40
C ASP C 189 8.21 -16.18 12.60
N LEU C 190 7.78 -16.84 11.51
CA LEU C 190 7.22 -18.19 11.61
C LEU C 190 8.25 -19.17 12.16
N LEU C 191 9.42 -19.25 11.54
CA LEU C 191 10.38 -20.29 11.89
C LEU C 191 11.13 -20.00 13.17
N ALA C 192 11.22 -18.73 13.60
CA ALA C 192 11.87 -18.44 14.88
C ALA C 192 11.00 -18.87 16.06
N HIS C 193 9.67 -18.84 15.91
CA HIS C 193 8.80 -19.24 17.01
C HIS C 193 8.32 -20.68 16.91
N GLU C 194 8.33 -21.29 15.72
CA GLU C 194 7.90 -22.67 15.53
C GLU C 194 8.80 -23.35 14.52
N PRO C 195 10.03 -23.69 14.92
CA PRO C 195 11.01 -24.23 13.95
C PRO C 195 10.71 -25.62 13.43
N ARG C 196 9.63 -26.27 13.89
CA ARG C 196 9.26 -27.60 13.44
C ARG C 196 8.31 -27.58 12.25
N MET C 197 7.83 -26.41 11.85
CA MET C 197 6.87 -26.29 10.76
C MET C 197 7.57 -26.28 9.41
N MET C 198 6.85 -26.70 8.37
CA MET C 198 7.37 -26.72 7.00
C MET C 198 6.88 -25.47 6.27
N LEU C 199 7.76 -24.49 6.13
CA LEU C 199 7.46 -23.31 5.34
C LEU C 199 7.85 -23.58 3.90
N ILE C 200 6.90 -23.38 2.98
CA ILE C 200 7.09 -23.63 1.55
C ILE C 200 7.00 -22.30 0.82
N SER C 201 7.97 -22.04 -0.05
CA SER C 201 8.01 -20.77 -0.79
C SER C 201 6.96 -20.76 -1.89
N GLY C 202 6.23 -19.65 -2.00
CA GLY C 202 5.25 -19.49 -3.05
C GLY C 202 5.56 -18.32 -3.96
N GLU C 203 6.82 -17.93 -3.97
CA GLU C 203 7.28 -16.80 -4.77
C GLU C 203 8.62 -17.19 -5.36
N ASP C 204 8.66 -17.37 -6.67
CA ASP C 204 9.81 -18.00 -7.32
C ASP C 204 11.07 -17.15 -7.19
N ALA C 205 10.95 -15.82 -7.31
CA ALA C 205 12.15 -14.99 -7.28
C ALA C 205 12.93 -15.12 -5.98
N ILE C 206 12.27 -15.45 -4.88
CA ILE C 206 12.96 -15.51 -3.59
C ILE C 206 12.97 -16.94 -3.04
N ASN C 207 13.03 -17.92 -3.96
CA ASN C 207 13.10 -19.32 -3.55
C ASN C 207 14.30 -19.59 -2.65
N TYR C 208 15.48 -19.14 -3.08
CA TYR C 208 16.66 -19.44 -2.29
C TYR C 208 16.61 -18.79 -0.91
N PRO C 209 16.28 -17.50 -0.75
CA PRO C 209 16.24 -16.93 0.61
C PRO C 209 15.25 -17.61 1.54
N ILE C 210 14.11 -18.10 1.03
CA ILE C 210 13.20 -18.81 1.91
C ILE C 210 13.79 -20.14 2.32
N LEU C 211 14.42 -20.85 1.37
CA LEU C 211 15.06 -22.12 1.69
C LEU C 211 16.25 -21.92 2.64
N SER C 212 17.06 -20.89 2.40
CA SER C 212 18.25 -20.67 3.23
C SER C 212 17.89 -20.31 4.66
N ASN C 213 16.67 -19.82 4.89
CA ASN C 213 16.21 -19.50 6.23
C ASN C 213 15.50 -20.66 6.92
N GLY C 214 15.54 -21.85 6.34
CA GLY C 214 14.92 -23.02 6.95
C GLY C 214 13.68 -23.51 6.25
N GLY C 215 13.31 -22.88 5.12
CA GLY C 215 12.21 -23.40 4.32
C GLY C 215 12.50 -24.79 3.81
N LYS C 216 11.45 -25.56 3.56
CA LYS C 216 11.62 -26.96 3.21
C LYS C 216 11.08 -27.31 1.83
N GLY C 217 10.82 -26.33 0.98
CA GLY C 217 10.38 -26.63 -0.36
C GLY C 217 9.85 -25.40 -1.04
N VAL C 218 9.53 -25.57 -2.31
CA VAL C 218 8.96 -24.51 -3.11
C VAL C 218 7.77 -25.11 -3.85
N ILE C 219 6.75 -24.29 -4.05
CA ILE C 219 5.66 -24.60 -4.96
C ILE C 219 5.75 -23.57 -6.07
N SER C 220 6.25 -24.01 -7.22
CA SER C 220 6.84 -23.12 -8.22
C SER C 220 5.95 -23.00 -9.45
N VAL C 221 5.92 -21.81 -10.03
CA VAL C 221 5.35 -21.60 -11.35
C VAL C 221 6.40 -21.88 -12.43
N THR C 222 7.65 -21.50 -12.14
CA THR C 222 8.73 -21.64 -13.10
C THR C 222 9.04 -23.11 -13.42
N SER C 223 8.82 -24.03 -12.49
CA SER C 223 9.18 -25.43 -12.76
C SER C 223 8.33 -26.05 -13.85
N ASN C 224 7.16 -25.46 -14.15
CA ASN C 224 6.41 -25.87 -15.34
C ASN C 224 7.30 -25.82 -16.57
N LEU C 225 8.12 -24.76 -16.70
CA LEU C 225 8.99 -24.56 -17.85
C LEU C 225 10.37 -25.16 -17.65
N LEU C 226 10.99 -24.93 -16.49
CA LEU C 226 12.37 -25.36 -16.25
C LEU C 226 12.40 -26.23 -14.98
N PRO C 227 11.79 -27.42 -15.04
CA PRO C 227 11.68 -28.23 -13.82
C PRO C 227 13.03 -28.68 -13.27
N ASP C 228 13.99 -29.01 -14.15
CA ASP C 228 15.28 -29.50 -13.66
C ASP C 228 16.02 -28.44 -12.86
N MET C 229 15.85 -27.16 -13.22
CA MET C 229 16.59 -26.10 -12.55
C MET C 229 16.02 -25.78 -11.17
N ILE C 230 14.68 -25.69 -11.06
CA ILE C 230 14.04 -25.51 -9.77
C ILE C 230 14.32 -26.72 -8.88
N SER C 231 14.26 -27.91 -9.47
CA SER C 231 14.56 -29.13 -8.75
C SER C 231 15.98 -29.11 -8.19
N ALA C 232 16.95 -28.68 -9.00
CA ALA C 232 18.33 -28.57 -8.52
C ALA C 232 18.47 -27.50 -7.44
N LEU C 233 17.84 -26.34 -7.63
CA LEU C 233 17.90 -25.27 -6.63
C LEU C 233 17.47 -25.77 -5.24
N THR C 234 16.32 -26.44 -5.17
CA THR C 234 15.80 -26.92 -3.90
C THR C 234 16.71 -27.98 -3.28
N HIS C 235 17.24 -28.90 -4.09
CA HIS C 235 18.05 -29.95 -3.50
C HIS C 235 19.42 -29.42 -3.06
N PHE C 236 20.00 -28.50 -3.83
CA PHE C 236 21.22 -27.84 -3.38
C PHE C 236 21.01 -27.19 -2.03
N ALA C 237 19.88 -26.50 -1.86
CA ALA C 237 19.59 -25.78 -0.63
C ALA C 237 19.35 -26.74 0.53
N LEU C 238 18.59 -27.81 0.28
CA LEU C 238 18.26 -28.75 1.36
C LEU C 238 19.50 -29.47 1.87
N ASP C 239 20.50 -29.68 1.01
CA ASP C 239 21.78 -30.22 1.42
C ASP C 239 22.74 -29.11 1.81
N GLU C 240 22.26 -27.87 1.85
CA GLU C 240 23.03 -26.70 2.29
C GLU C 240 24.23 -26.42 1.39
N ASN C 241 24.11 -26.71 0.09
CA ASN C 241 25.05 -26.18 -0.89
C ASN C 241 24.50 -24.83 -1.36
N TYR C 242 24.72 -23.82 -0.52
CA TYR C 242 24.09 -22.52 -0.71
C TYR C 242 24.74 -21.71 -1.81
N LYS C 243 26.04 -21.90 -2.05
CA LYS C 243 26.68 -21.21 -3.17
C LYS C 243 26.09 -21.69 -4.49
N GLU C 244 25.76 -22.98 -4.58
CA GLU C 244 25.17 -23.52 -5.79
C GLU C 244 23.70 -23.13 -5.93
N ALA C 245 22.93 -23.18 -4.83
CA ALA C 245 21.52 -22.81 -4.88
C ALA C 245 21.33 -21.36 -5.24
N LYS C 246 22.17 -20.47 -4.69
CA LYS C 246 22.07 -19.05 -4.99
C LYS C 246 22.39 -18.76 -6.45
N LYS C 247 23.38 -19.46 -7.02
CA LYS C 247 23.73 -19.21 -8.42
C LYS C 247 22.57 -19.57 -9.33
N ILE C 248 21.86 -20.67 -9.05
CA ILE C 248 20.72 -21.03 -9.88
C ILE C 248 19.57 -20.04 -9.66
N ASN C 249 19.34 -19.65 -8.41
CA ASN C 249 18.32 -18.64 -8.14
C ASN C 249 18.63 -17.33 -8.86
N ASP C 250 19.90 -16.94 -8.89
CA ASP C 250 20.26 -15.69 -9.57
C ASP C 250 20.06 -15.81 -11.07
N GLU C 251 20.39 -16.96 -11.65
CA GLU C 251 20.19 -17.17 -13.09
C GLU C 251 18.71 -17.10 -13.45
N LEU C 252 17.85 -17.59 -12.56
CA LEU C 252 16.41 -17.65 -12.78
C LEU C 252 15.70 -16.33 -12.58
N TYR C 253 16.40 -15.27 -12.14
CA TYR C 253 15.69 -14.05 -11.75
C TYR C 253 14.91 -13.46 -12.93
N ASN C 254 15.55 -13.35 -14.11
CA ASN C 254 14.88 -12.71 -15.24
C ASN C 254 13.62 -13.48 -15.65
N ILE C 255 13.72 -14.81 -15.77
CA ILE C 255 12.55 -15.59 -16.16
C ILE C 255 11.51 -15.64 -15.05
N ASN C 256 11.96 -15.65 -13.78
CA ASN C 256 11.00 -15.64 -12.67
C ASN C 256 10.14 -14.38 -12.70
N LYS C 257 10.72 -13.24 -13.10
CA LYS C 257 9.95 -12.00 -13.13
C LYS C 257 9.07 -11.92 -14.36
N ILE C 258 9.59 -12.26 -15.54
CA ILE C 258 8.76 -12.15 -16.74
C ILE C 258 7.55 -13.06 -16.63
N LEU C 259 7.64 -14.13 -15.84
CA LEU C 259 6.49 -15.01 -15.67
C LEU C 259 5.37 -14.36 -14.89
N PHE C 260 5.54 -13.09 -14.50
CA PHE C 260 4.47 -12.35 -13.83
C PHE C 260 4.30 -10.95 -14.42
N CYS C 261 4.79 -10.72 -15.64
CA CYS C 261 4.51 -9.46 -16.35
C CYS C 261 3.01 -9.21 -16.44
N GLU C 262 2.21 -10.26 -16.61
CA GLU C 262 0.77 -10.25 -16.42
C GLU C 262 0.44 -11.31 -15.37
N SER C 263 -0.84 -11.40 -15.00
CA SER C 263 -1.20 -12.25 -13.88
C SER C 263 -0.99 -13.72 -14.22
N ASN C 264 -0.37 -14.43 -13.29
CA ASN C 264 -0.23 -15.88 -13.39
C ASN C 264 -1.61 -16.53 -13.40
N PRO C 265 -1.85 -17.53 -14.25
CA PRO C 265 -0.93 -18.23 -15.16
C PRO C 265 -0.93 -17.78 -16.64
N ILE C 266 -1.21 -16.52 -16.94
CA ILE C 266 -1.13 -16.07 -18.35
C ILE C 266 0.29 -16.18 -18.89
N PRO C 267 1.33 -15.61 -18.26
CA PRO C 267 2.67 -15.71 -18.87
C PRO C 267 3.18 -17.13 -19.00
N ILE C 268 3.00 -17.96 -17.98
CA ILE C 268 3.57 -19.31 -17.98
C ILE C 268 2.94 -20.17 -19.07
N LYS C 269 1.62 -20.07 -19.25
CA LYS C 269 1.00 -20.84 -20.33
C LYS C 269 1.50 -20.34 -21.67
N THR C 270 1.71 -19.03 -21.80
CA THR C 270 2.32 -18.48 -23.01
C THR C 270 3.72 -19.06 -23.23
N ALA C 271 4.50 -19.17 -22.17
CA ALA C 271 5.84 -19.73 -22.31
C ALA C 271 5.78 -21.21 -22.72
N MET C 272 4.86 -21.98 -22.11
CA MET C 272 4.72 -23.39 -22.47
C MET C 272 4.34 -23.58 -23.93
N TYR C 273 3.52 -22.67 -24.47
CA TYR C 273 3.12 -22.75 -25.88
C TYR C 273 4.27 -22.38 -26.81
N LEU C 274 5.02 -21.35 -26.46
CA LEU C 274 6.17 -20.97 -27.25
C LEU C 274 7.21 -22.08 -27.31
N ALA C 275 7.36 -22.86 -26.24
CA ALA C 275 8.30 -23.97 -26.20
C ALA C 275 7.74 -25.26 -26.79
N GLY C 276 6.56 -25.22 -27.42
CA GLY C 276 5.98 -26.41 -28.01
C GLY C 276 5.56 -27.47 -27.01
N LEU C 277 5.35 -27.10 -25.75
CA LEU C 277 4.99 -28.05 -24.72
C LEU C 277 3.47 -28.25 -24.54
N ILE C 278 2.65 -27.31 -25.00
CA ILE C 278 1.20 -27.48 -25.08
C ILE C 278 0.79 -27.12 -26.48
N GLU C 279 -0.32 -27.67 -26.95
CA GLU C 279 -0.53 -27.45 -28.37
C GLU C 279 -1.43 -26.30 -28.69
N SER C 280 -1.96 -25.61 -27.70
CA SER C 280 -2.82 -24.50 -28.00
C SER C 280 -2.78 -23.55 -26.83
N LEU C 281 -2.87 -22.26 -27.15
CA LEU C 281 -2.78 -21.21 -26.12
C LEU C 281 -4.21 -20.78 -25.79
N GLU C 282 -4.86 -21.59 -24.97
CA GLU C 282 -6.26 -21.39 -24.58
C GLU C 282 -6.36 -21.11 -23.09
N PHE C 283 -7.16 -20.11 -22.74
CA PHE C 283 -7.56 -19.87 -21.36
C PHE C 283 -9.08 -19.94 -21.28
N ARG C 284 -9.60 -19.93 -20.07
CA ARG C 284 -11.03 -19.72 -19.84
C ARG C 284 -11.21 -18.32 -19.29
N LEU C 285 -12.15 -17.58 -19.88
CA LEU C 285 -12.42 -16.23 -19.45
C LEU C 285 -12.83 -16.25 -17.97
N PRO C 286 -12.48 -15.20 -17.20
CA PRO C 286 -11.93 -13.92 -17.66
C PRO C 286 -10.41 -13.92 -17.97
N LEU C 287 -9.75 -15.07 -17.93
CA LEU C 287 -8.36 -15.11 -18.37
C LEU C 287 -8.31 -15.18 -19.89
N CYS C 288 -7.28 -14.57 -20.47
CA CYS C 288 -7.16 -14.50 -21.92
C CYS C 288 -5.69 -14.39 -22.31
N SER C 289 -5.42 -14.41 -23.61
CA SER C 289 -4.06 -14.27 -24.10
C SER C 289 -3.46 -12.94 -23.68
N PRO C 290 -2.14 -12.87 -23.49
CA PRO C 290 -1.51 -11.62 -23.09
C PRO C 290 -1.45 -10.62 -24.25
N SER C 291 -1.08 -9.40 -23.91
CA SER C 291 -0.80 -8.36 -24.89
C SER C 291 0.33 -8.80 -25.84
N LYS C 292 0.35 -8.17 -27.02
CA LYS C 292 1.36 -8.51 -28.00
C LYS C 292 2.75 -8.16 -27.51
N GLU C 293 2.86 -7.09 -26.76
CA GLU C 293 4.16 -6.65 -26.24
C GLU C 293 4.70 -7.57 -25.15
N ASN C 294 3.85 -8.00 -24.20
CA ASN C 294 4.31 -8.99 -23.21
C ASN C 294 4.58 -10.33 -23.86
N PHE C 295 3.84 -10.64 -24.93
CA PHE C 295 4.16 -11.82 -25.72
C PHE C 295 5.60 -11.75 -26.21
N ALA C 296 6.00 -10.59 -26.76
CA ALA C 296 7.36 -10.44 -27.25
C ALA C 296 8.37 -10.45 -26.12
N LYS C 297 8.03 -9.88 -24.97
CA LYS C 297 8.98 -9.86 -23.87
C LYS C 297 9.19 -11.26 -23.29
N ILE C 298 8.12 -12.05 -23.16
CA ILE C 298 8.25 -13.44 -22.70
C ILE C 298 9.10 -14.25 -23.68
N GLU C 299 8.91 -14.03 -24.94
CA GLU C 299 9.66 -14.73 -25.91
C GLU C 299 11.12 -14.36 -25.93
N GLU C 300 11.44 -13.16 -25.53
CA GLU C 300 12.83 -12.75 -25.56
C GLU C 300 13.60 -13.39 -24.45
N VAL C 301 13.01 -13.35 -23.27
CA VAL C 301 13.61 -13.92 -22.09
C VAL C 301 13.82 -15.39 -22.30
N MET C 302 12.78 -16.10 -22.69
CA MET C 302 12.87 -17.53 -22.91
C MET C 302 14.15 -17.92 -23.63
N LYS C 303 14.60 -17.11 -24.58
CA LYS C 303 15.70 -17.52 -25.46
C LYS C 303 17.03 -17.66 -24.75
N LYS C 304 17.15 -17.20 -23.49
CA LYS C 304 18.43 -17.27 -22.82
C LYS C 304 18.55 -18.45 -21.86
N TYR C 305 17.57 -19.33 -21.82
CA TYR C 305 17.58 -20.55 -21.01
C TYR C 305 17.43 -21.76 -21.91
N LYS C 306 17.65 -22.95 -21.35
CA LYS C 306 17.32 -24.18 -22.08
C LYS C 306 16.14 -24.89 -21.46
N ILE C 307 15.18 -25.23 -22.32
CA ILE C 307 13.88 -25.74 -21.90
C ILE C 307 13.87 -27.21 -22.30
N LYS C 308 13.75 -28.10 -21.33
CA LYS C 308 13.81 -29.51 -21.66
C LYS C 308 12.49 -29.93 -22.30
N GLY C 309 12.56 -30.88 -23.23
CA GLY C 309 11.38 -31.35 -23.91
C GLY C 309 10.70 -32.44 -23.11
N PHE C 310 9.94 -33.28 -23.81
CA PHE C 310 9.28 -34.44 -23.19
C PHE C 310 10.23 -35.63 -23.16
N ASP D 14 -29.43 5.92 -23.97
CA ASP D 14 -30.79 6.01 -23.45
C ASP D 14 -31.24 4.70 -22.79
N LYS D 15 -30.37 4.14 -21.94
CA LYS D 15 -30.49 2.78 -21.43
C LYS D 15 -31.40 2.71 -20.20
N ASN D 16 -31.79 1.48 -19.86
CA ASN D 16 -32.56 1.21 -18.64
C ASN D 16 -31.65 1.22 -17.42
N ILE D 17 -32.08 1.95 -16.38
CA ILE D 17 -31.24 2.16 -15.21
C ILE D 17 -31.98 1.75 -13.93
N ILE D 18 -31.20 1.44 -12.90
CA ILE D 18 -31.71 1.20 -11.55
C ILE D 18 -30.82 2.02 -10.62
N ILE D 19 -31.37 3.10 -10.07
CA ILE D 19 -30.62 4.11 -9.33
C ILE D 19 -31.39 4.48 -8.06
N GLY D 20 -30.85 5.44 -7.32
CA GLY D 20 -31.45 5.85 -6.08
C GLY D 20 -30.86 5.15 -4.88
N ALA D 21 -31.64 5.14 -3.80
CA ALA D 21 -31.20 4.53 -2.55
C ALA D 21 -31.45 3.04 -2.55
N MET D 22 -30.38 2.25 -2.48
CA MET D 22 -30.49 0.79 -2.52
C MET D 22 -29.80 0.20 -1.29
N THR D 23 -30.27 -0.97 -0.87
CA THR D 23 -29.83 -1.61 0.36
C THR D 23 -29.23 -2.97 0.03
N ALA D 24 -28.01 -3.22 0.52
CA ALA D 24 -27.37 -4.53 0.39
C ALA D 24 -27.86 -5.41 1.52
N LEU D 25 -28.88 -6.24 1.24
CA LEU D 25 -29.57 -6.99 2.29
C LEU D 25 -28.66 -8.01 2.97
N ILE D 26 -28.78 -8.10 4.29
CA ILE D 26 -28.19 -9.22 5.01
C ILE D 26 -29.06 -10.45 4.84
N THR D 27 -28.44 -11.62 5.02
CA THR D 27 -29.16 -12.89 4.95
C THR D 27 -29.22 -13.47 6.36
N PRO D 28 -30.35 -13.38 7.05
CA PRO D 28 -30.41 -13.91 8.42
C PRO D 28 -30.45 -15.43 8.40
N PHE D 29 -29.62 -16.04 9.25
CA PHE D 29 -29.58 -17.49 9.38
C PHE D 29 -30.28 -17.95 10.66
N LYS D 30 -30.88 -19.14 10.59
CA LYS D 30 -31.39 -19.80 11.80
C LYS D 30 -31.04 -21.26 11.73
N ASN D 31 -30.29 -21.75 12.73
CA ASN D 31 -29.77 -23.11 12.75
C ASN D 31 -29.17 -23.51 11.39
N GLY D 32 -28.33 -22.64 10.85
CA GLY D 32 -27.68 -22.96 9.60
C GLY D 32 -28.56 -22.88 8.37
N LYS D 33 -29.84 -22.57 8.52
CA LYS D 33 -30.75 -22.46 7.39
C LYS D 33 -31.12 -20.99 7.19
N VAL D 34 -31.54 -20.67 5.97
CA VAL D 34 -31.96 -19.30 5.70
C VAL D 34 -33.31 -19.08 6.37
N ASP D 35 -33.41 -18.04 7.19
CA ASP D 35 -34.68 -17.71 7.83
C ASP D 35 -35.49 -16.95 6.78
N GLU D 36 -36.25 -17.69 5.96
CA GLU D 36 -36.91 -17.11 4.79
C GLU D 36 -37.89 -16.02 5.20
N GLN D 37 -38.59 -16.23 6.31
CA GLN D 37 -39.62 -15.30 6.74
C GLN D 37 -39.03 -14.03 7.32
N SER D 38 -37.95 -14.15 8.10
CA SER D 38 -37.24 -12.96 8.54
C SER D 38 -36.71 -12.18 7.36
N TYR D 39 -36.25 -12.90 6.33
CA TYR D 39 -35.79 -12.25 5.11
C TYR D 39 -36.92 -11.47 4.45
N ALA D 40 -38.13 -12.05 4.41
CA ALA D 40 -39.24 -11.30 3.84
C ALA D 40 -39.59 -10.09 4.69
N ARG D 41 -39.47 -10.21 6.01
CA ARG D 41 -39.90 -9.10 6.85
C ARG D 41 -38.84 -8.01 6.94
N LEU D 42 -37.57 -8.34 6.70
CA LEU D 42 -36.58 -7.27 6.64
C LEU D 42 -36.73 -6.47 5.35
N ILE D 43 -37.17 -7.11 4.27
CA ILE D 43 -37.39 -6.37 3.02
C ILE D 43 -38.57 -5.42 3.16
N LYS D 44 -39.63 -5.87 3.84
CA LYS D 44 -40.80 -5.02 4.04
C LYS D 44 -40.45 -3.79 4.86
N ARG D 45 -39.57 -3.95 5.85
CA ARG D 45 -39.11 -2.80 6.61
C ARG D 45 -38.40 -1.80 5.70
N GLN D 46 -37.54 -2.29 4.80
CA GLN D 46 -36.88 -1.41 3.84
C GLN D 46 -37.88 -0.70 2.95
N ILE D 47 -38.88 -1.43 2.42
CA ILE D 47 -39.88 -0.83 1.54
C ILE D 47 -40.62 0.29 2.24
N GLU D 48 -41.05 0.05 3.48
CA GLU D 48 -41.82 1.04 4.22
C GLU D 48 -40.98 2.24 4.67
N ASN D 49 -39.67 2.24 4.43
CA ASN D 49 -38.78 3.31 4.88
C ASN D 49 -38.10 4.04 3.73
N GLY D 50 -38.71 4.04 2.53
CA GLY D 50 -38.27 4.88 1.44
C GLY D 50 -37.13 4.37 0.59
N ILE D 51 -36.80 3.09 0.68
CA ILE D 51 -35.68 2.51 -0.08
C ILE D 51 -36.10 2.28 -1.51
N ASP D 52 -35.22 2.58 -2.47
CA ASP D 52 -35.59 2.46 -3.87
C ASP D 52 -35.35 1.07 -4.46
N ALA D 53 -34.38 0.32 -3.93
CA ALA D 53 -34.10 -1.01 -4.47
C ALA D 53 -33.37 -1.84 -3.43
N VAL D 54 -33.50 -3.15 -3.54
CA VAL D 54 -32.81 -4.06 -2.63
C VAL D 54 -31.91 -4.97 -3.46
N VAL D 55 -30.75 -5.29 -2.91
CA VAL D 55 -29.77 -6.15 -3.56
C VAL D 55 -29.71 -7.47 -2.79
N PRO D 56 -30.45 -8.49 -3.20
CA PRO D 56 -30.32 -9.78 -2.51
C PRO D 56 -29.03 -10.49 -2.90
N VAL D 57 -28.54 -11.31 -1.96
CA VAL D 57 -27.43 -12.26 -2.13
C VAL D 57 -26.21 -11.62 -2.79
N GLY D 58 -25.80 -10.44 -2.30
CA GLY D 58 -24.54 -9.83 -2.63
C GLY D 58 -23.50 -10.10 -1.56
N THR D 59 -22.50 -9.23 -1.52
CA THR D 59 -21.43 -9.37 -0.51
C THR D 59 -21.99 -9.35 0.90
N THR D 60 -22.83 -8.37 1.21
CA THR D 60 -23.40 -8.24 2.55
C THR D 60 -24.32 -9.41 2.89
N GLY D 61 -24.90 -10.07 1.90
CA GLY D 61 -25.74 -11.23 2.07
C GLY D 61 -25.00 -12.55 2.15
N GLU D 62 -23.66 -12.51 2.29
CA GLU D 62 -22.81 -13.69 2.42
C GLU D 62 -22.93 -14.63 1.22
N SER D 63 -22.83 -14.06 0.01
CA SER D 63 -23.02 -14.85 -1.21
C SER D 63 -22.02 -16.00 -1.32
N ALA D 64 -20.81 -15.84 -0.79
CA ALA D 64 -19.79 -16.87 -0.95
C ALA D 64 -20.15 -18.16 -0.21
N THR D 65 -20.93 -18.09 0.87
CA THR D 65 -21.25 -19.28 1.64
C THR D 65 -22.67 -19.77 1.42
N LEU D 66 -23.38 -19.19 0.46
CA LEU D 66 -24.74 -19.59 0.14
C LEU D 66 -24.73 -20.75 -0.83
N THR D 67 -25.64 -21.70 -0.59
CA THR D 67 -25.93 -22.65 -1.62
C THR D 67 -26.62 -21.94 -2.77
N HIS D 68 -26.67 -22.66 -3.88
CA HIS D 68 -27.25 -22.24 -5.14
C HIS D 68 -28.75 -22.24 -5.13
N GLU D 69 -29.34 -22.98 -4.21
CA GLU D 69 -30.76 -23.00 -4.13
C GLU D 69 -31.10 -21.86 -3.23
N GLU D 70 -30.27 -21.63 -2.24
CA GLU D 70 -30.54 -20.53 -1.32
C GLU D 70 -30.36 -19.19 -2.01
N HIS D 71 -29.47 -19.15 -3.02
CA HIS D 71 -29.34 -17.99 -3.88
C HIS D 71 -30.68 -17.64 -4.52
N ARG D 72 -31.33 -18.61 -5.12
CA ARG D 72 -32.54 -18.33 -5.81
C ARG D 72 -33.68 -17.92 -4.95
N THR D 73 -33.90 -18.66 -3.90
CA THR D 73 -35.03 -18.40 -3.01
C THR D 73 -34.93 -17.02 -2.43
N CYS D 74 -33.72 -16.53 -2.19
CA CYS D 74 -33.59 -15.20 -1.63
C CYS D 74 -33.92 -14.13 -2.67
N ILE D 75 -33.58 -14.38 -3.94
CA ILE D 75 -34.00 -13.47 -5.00
C ILE D 75 -35.51 -13.55 -5.19
N GLU D 76 -36.07 -14.78 -5.18
CA GLU D 76 -37.50 -14.96 -5.34
C GLU D 76 -38.26 -14.33 -4.20
N ILE D 77 -37.75 -14.44 -2.98
CA ILE D 77 -38.42 -13.78 -1.86
C ILE D 77 -38.40 -12.27 -2.08
N ALA D 78 -37.25 -11.75 -2.49
CA ALA D 78 -37.13 -10.32 -2.76
C ALA D 78 -38.09 -9.84 -3.85
N VAL D 79 -38.12 -10.54 -4.99
CA VAL D 79 -38.85 -10.06 -6.17
C VAL D 79 -40.33 -9.94 -5.89
N GLU D 80 -40.81 -10.91 -5.10
CA GLU D 80 -42.19 -11.06 -4.70
C GLU D 80 -42.62 -10.20 -3.52
N THR D 81 -41.75 -9.93 -2.59
CA THR D 81 -42.10 -8.99 -1.54
C THR D 81 -42.13 -7.56 -2.07
N CYS D 82 -41.34 -7.27 -3.10
CA CYS D 82 -41.25 -5.94 -3.70
C CYS D 82 -42.31 -5.70 -4.76
N LYS D 83 -42.99 -6.75 -5.22
CA LYS D 83 -44.06 -6.58 -6.20
C LYS D 83 -45.24 -5.86 -5.57
N GLY D 84 -45.77 -4.87 -6.27
CA GLY D 84 -46.74 -3.96 -5.70
C GLY D 84 -46.14 -2.78 -4.99
N THR D 85 -44.83 -2.57 -5.11
CA THR D 85 -44.15 -1.40 -4.59
C THR D 85 -43.31 -0.79 -5.70
N LYS D 86 -42.75 0.38 -5.42
CA LYS D 86 -41.81 1.00 -6.35
C LYS D 86 -40.39 0.51 -6.16
N VAL D 87 -40.16 -0.43 -5.24
CA VAL D 87 -38.82 -0.91 -4.91
C VAL D 87 -38.38 -1.94 -5.94
N LYS D 88 -37.19 -1.75 -6.51
CA LYS D 88 -36.66 -2.66 -7.51
C LYS D 88 -35.78 -3.74 -6.86
N VAL D 89 -35.59 -4.83 -7.57
CA VAL D 89 -34.71 -5.91 -7.12
C VAL D 89 -33.51 -5.95 -8.04
N LEU D 90 -32.35 -5.58 -7.51
CA LEU D 90 -31.08 -5.65 -8.23
C LEU D 90 -30.35 -6.87 -7.70
N ALA D 91 -30.43 -7.99 -8.43
CA ALA D 91 -29.94 -9.27 -7.94
C ALA D 91 -28.42 -9.38 -8.05
N GLY D 92 -27.80 -9.96 -7.02
CA GLY D 92 -26.37 -10.24 -7.07
C GLY D 92 -26.08 -11.40 -8.00
N ALA D 93 -25.16 -11.20 -8.94
CA ALA D 93 -24.92 -12.26 -9.92
C ALA D 93 -23.48 -12.36 -10.42
N GLY D 94 -22.50 -11.83 -9.69
CA GLY D 94 -21.14 -11.88 -10.18
C GLY D 94 -20.43 -13.20 -9.90
N SER D 95 -19.34 -13.43 -10.64
CA SER D 95 -18.50 -14.60 -10.44
C SER D 95 -17.13 -14.37 -11.10
N ASN D 96 -16.13 -15.08 -10.60
CA ASN D 96 -14.79 -14.97 -11.18
C ASN D 96 -14.58 -15.95 -12.33
N ALA D 97 -15.60 -16.70 -12.73
CA ALA D 97 -15.59 -17.54 -13.92
C ALA D 97 -16.64 -17.00 -14.88
N THR D 98 -16.21 -16.66 -16.08
CA THR D 98 -17.09 -15.95 -17.02
C THR D 98 -18.30 -16.80 -17.39
N HIS D 99 -18.08 -18.09 -17.65
CA HIS D 99 -19.19 -18.97 -17.96
C HIS D 99 -20.23 -18.98 -16.84
N GLU D 100 -19.75 -18.96 -15.59
CA GLU D 100 -20.67 -19.00 -14.46
C GLU D 100 -21.46 -17.71 -14.31
N ALA D 101 -20.80 -16.56 -14.48
CA ALA D 101 -21.48 -15.27 -14.34
C ALA D 101 -22.53 -15.06 -15.42
N VAL D 102 -22.35 -15.66 -16.60
CA VAL D 102 -23.40 -15.60 -17.62
C VAL D 102 -24.63 -16.36 -17.16
N GLY D 103 -24.44 -17.58 -16.66
CA GLY D 103 -25.57 -18.34 -16.15
C GLY D 103 -26.27 -17.63 -15.01
N LEU D 104 -25.49 -17.04 -14.10
CA LEU D 104 -26.09 -16.33 -12.98
C LEU D 104 -26.88 -15.12 -13.44
N ALA D 105 -26.43 -14.44 -14.50
CA ALA D 105 -27.21 -13.35 -15.10
C ALA D 105 -28.51 -13.84 -15.74
N LYS D 106 -28.44 -14.87 -16.58
CA LYS D 106 -29.66 -15.39 -17.23
C LYS D 106 -30.63 -15.83 -16.17
N PHE D 107 -30.10 -16.35 -15.10
CA PHE D 107 -30.91 -16.86 -14.01
C PHE D 107 -31.63 -15.81 -13.24
N ALA D 108 -31.01 -14.68 -12.99
CA ALA D 108 -31.67 -13.67 -12.26
C ALA D 108 -32.73 -13.01 -13.09
N LYS D 109 -32.64 -13.16 -14.40
CA LYS D 109 -33.59 -12.60 -15.30
C LYS D 109 -34.80 -13.47 -15.35
N GLU D 110 -34.59 -14.77 -15.24
CA GLU D 110 -35.72 -15.67 -15.26
C GLU D 110 -36.56 -15.57 -14.01
N HIS D 111 -35.96 -15.22 -12.89
CA HIS D 111 -36.69 -15.11 -11.67
C HIS D 111 -37.26 -13.74 -11.38
N GLY D 112 -37.26 -12.86 -12.36
CA GLY D 112 -37.90 -11.58 -12.20
C GLY D 112 -37.15 -10.38 -11.71
N ALA D 113 -35.86 -10.48 -11.71
CA ALA D 113 -35.04 -9.38 -11.27
C ALA D 113 -35.15 -8.24 -12.26
N ASP D 114 -35.03 -7.02 -11.74
CA ASP D 114 -35.06 -5.84 -12.57
C ASP D 114 -33.68 -5.55 -13.18
N GLY D 115 -32.62 -5.96 -12.50
CA GLY D 115 -31.27 -5.80 -13.01
C GLY D 115 -30.36 -6.67 -12.18
N ILE D 116 -29.08 -6.70 -12.55
CA ILE D 116 -28.10 -7.51 -11.84
C ILE D 116 -26.91 -6.67 -11.42
N LEU D 117 -26.40 -6.94 -10.22
CA LEU D 117 -25.08 -6.47 -9.79
C LEU D 117 -24.08 -7.58 -10.03
N SER D 118 -22.94 -7.24 -10.62
CA SER D 118 -21.97 -8.24 -11.04
C SER D 118 -20.56 -7.80 -10.65
N VAL D 119 -20.01 -8.42 -9.61
CA VAL D 119 -18.71 -8.04 -9.09
C VAL D 119 -17.61 -8.38 -10.09
N ALA D 120 -16.54 -7.58 -10.06
CA ALA D 120 -15.35 -7.87 -10.84
C ALA D 120 -14.76 -9.21 -10.40
N PRO D 121 -14.26 -10.01 -11.34
CA PRO D 121 -13.65 -11.30 -10.99
C PRO D 121 -12.62 -11.17 -9.88
N PHE D 122 -12.73 -12.05 -8.89
CA PHE D 122 -11.90 -12.02 -7.71
C PHE D 122 -10.95 -13.20 -7.73
N TYR D 123 -9.83 -13.03 -7.03
CA TYR D 123 -8.78 -14.05 -6.86
C TYR D 123 -7.97 -14.29 -8.12
N ASN D 124 -8.60 -14.50 -9.28
CA ASN D 124 -7.81 -14.88 -10.46
C ASN D 124 -7.25 -13.70 -11.24
N LYS D 125 -7.52 -12.46 -10.81
CA LYS D 125 -6.86 -11.26 -11.34
C LYS D 125 -6.75 -11.20 -12.85
N PRO D 126 -7.86 -11.16 -13.58
CA PRO D 126 -7.78 -11.00 -15.03
C PRO D 126 -7.24 -9.62 -15.38
N THR D 127 -6.68 -9.52 -16.57
CA THR D 127 -6.22 -8.25 -17.13
C THR D 127 -7.42 -7.42 -17.60
N GLN D 128 -7.15 -6.16 -17.96
CA GLN D 128 -8.21 -5.27 -18.45
C GLN D 128 -8.89 -5.83 -19.69
N GLN D 129 -8.10 -6.44 -20.59
CA GLN D 129 -8.70 -7.11 -21.75
C GLN D 129 -9.66 -8.21 -21.31
N GLY D 130 -9.23 -9.06 -20.36
CA GLY D 130 -10.09 -10.12 -19.88
C GLY D 130 -11.34 -9.61 -19.18
N LEU D 131 -11.20 -8.54 -18.39
CA LEU D 131 -12.36 -7.93 -17.74
C LEU D 131 -13.36 -7.45 -18.78
N TYR D 132 -12.87 -6.83 -19.87
CA TYR D 132 -13.75 -6.37 -20.94
C TYR D 132 -14.52 -7.54 -21.54
N GLU D 133 -13.82 -8.64 -21.85
CA GLU D 133 -14.48 -9.78 -22.45
C GLU D 133 -15.39 -10.50 -21.46
N HIS D 134 -15.05 -10.48 -20.17
CA HIS D 134 -15.92 -11.02 -19.13
C HIS D 134 -17.27 -10.30 -19.11
N TYR D 135 -17.23 -8.97 -18.99
CA TYR D 135 -18.47 -8.22 -18.87
C TYR D 135 -19.22 -8.16 -20.20
N LYS D 136 -18.51 -8.17 -21.33
CA LYS D 136 -19.20 -8.16 -22.61
C LYS D 136 -19.98 -9.45 -22.82
N ALA D 137 -19.45 -10.57 -22.33
CA ALA D 137 -20.17 -11.82 -22.42
C ALA D 137 -21.41 -11.81 -21.55
N ILE D 138 -21.31 -11.26 -20.33
CA ILE D 138 -22.48 -11.18 -19.47
C ILE D 138 -23.54 -10.29 -20.10
N ALA D 139 -23.14 -9.07 -20.50
CA ALA D 139 -24.08 -8.08 -21.01
C ALA D 139 -24.79 -8.57 -22.26
N GLN D 140 -24.12 -9.31 -23.11
CA GLN D 140 -24.70 -9.76 -24.37
C GLN D 140 -25.48 -11.06 -24.22
N SER D 141 -25.51 -11.63 -23.02
CA SER D 141 -26.27 -12.84 -22.72
C SER D 141 -27.71 -12.57 -22.34
N VAL D 142 -28.02 -11.41 -21.75
CA VAL D 142 -29.36 -11.08 -21.28
C VAL D 142 -29.69 -9.64 -21.67
N ASP D 143 -30.98 -9.31 -21.63
CA ASP D 143 -31.39 -7.95 -22.01
C ASP D 143 -31.70 -7.10 -20.78
N ILE D 144 -31.06 -7.41 -19.66
CA ILE D 144 -31.35 -6.86 -18.33
C ILE D 144 -30.27 -5.84 -17.93
N PRO D 145 -30.59 -4.80 -17.18
CA PRO D 145 -29.56 -3.84 -16.76
C PRO D 145 -28.44 -4.50 -15.96
N VAL D 146 -27.21 -4.06 -16.23
CA VAL D 146 -26.03 -4.62 -15.57
C VAL D 146 -25.25 -3.49 -14.92
N LEU D 147 -25.00 -3.61 -13.61
CA LEU D 147 -24.19 -2.64 -12.88
C LEU D 147 -22.87 -3.30 -12.49
N LEU D 148 -21.77 -2.73 -12.96
CA LEU D 148 -20.46 -3.23 -12.55
C LEU D 148 -20.23 -2.93 -11.07
N TYR D 149 -19.35 -3.72 -10.47
CA TYR D 149 -19.01 -3.56 -9.07
C TYR D 149 -17.51 -3.70 -8.96
N ASN D 150 -16.86 -2.62 -8.54
CA ASN D 150 -15.41 -2.55 -8.43
C ASN D 150 -15.04 -2.46 -6.95
N VAL D 151 -14.39 -3.50 -6.43
CA VAL D 151 -14.03 -3.53 -5.02
C VAL D 151 -12.65 -4.18 -4.89
N PRO D 152 -11.58 -3.47 -5.25
CA PRO D 152 -10.27 -4.14 -5.37
C PRO D 152 -9.74 -4.70 -4.06
N GLY D 153 -10.13 -4.13 -2.92
CA GLY D 153 -9.70 -4.68 -1.65
C GLY D 153 -10.18 -6.10 -1.42
N ARG D 154 -11.26 -6.51 -2.10
CA ARG D 154 -11.77 -7.86 -1.97
C ARG D 154 -11.40 -8.76 -3.13
N THR D 155 -11.25 -8.19 -4.32
CA THR D 155 -11.06 -8.98 -5.53
C THR D 155 -9.59 -9.16 -5.89
N GLY D 156 -8.75 -8.20 -5.53
CA GLY D 156 -7.37 -8.21 -5.94
C GLY D 156 -7.12 -7.62 -7.31
N CYS D 157 -8.14 -7.09 -7.97
CA CYS D 157 -7.98 -6.46 -9.27
C CYS D 157 -8.91 -5.24 -9.31
N GLU D 158 -8.67 -4.37 -10.29
CA GLU D 158 -9.52 -3.20 -10.46
C GLU D 158 -9.91 -3.01 -11.92
N ILE D 159 -11.18 -2.69 -12.13
CA ILE D 159 -11.64 -2.25 -13.45
C ILE D 159 -11.21 -0.81 -13.63
N SER D 160 -10.25 -0.58 -14.53
CA SER D 160 -9.76 0.75 -14.81
C SER D 160 -10.89 1.62 -15.37
N THR D 161 -10.69 2.94 -15.28
CA THR D 161 -11.66 3.87 -15.83
C THR D 161 -11.90 3.64 -17.33
N ASP D 162 -10.83 3.38 -18.08
CA ASP D 162 -10.98 3.19 -19.52
C ASP D 162 -11.82 1.96 -19.83
N THR D 163 -11.63 0.87 -19.08
CA THR D 163 -12.42 -0.34 -19.33
C THR D 163 -13.91 -0.12 -19.04
N ILE D 164 -14.23 0.54 -17.91
CA ILE D 164 -15.62 0.83 -17.56
C ILE D 164 -16.30 1.66 -18.64
N ILE D 165 -15.60 2.67 -19.18
CA ILE D 165 -16.19 3.55 -20.18
C ILE D 165 -16.40 2.80 -21.49
N LYS D 166 -15.46 1.93 -21.87
CA LYS D 166 -15.64 1.14 -23.08
C LYS D 166 -16.83 0.21 -22.95
N LEU D 167 -16.97 -0.44 -21.78
CA LEU D 167 -18.11 -1.32 -21.57
C LEU D 167 -19.41 -0.53 -21.60
N PHE D 168 -19.41 0.68 -21.01
CA PHE D 168 -20.62 1.50 -21.00
C PHE D 168 -21.02 1.91 -22.42
N ARG D 169 -20.04 2.20 -23.27
CA ARG D 169 -20.35 2.65 -24.62
C ARG D 169 -20.59 1.51 -25.60
N ASP D 170 -20.06 0.32 -25.32
CA ASP D 170 -20.16 -0.77 -26.27
C ASP D 170 -21.33 -1.71 -25.96
N CYS D 171 -21.79 -1.76 -24.74
CA CYS D 171 -22.88 -2.64 -24.37
C CYS D 171 -24.09 -1.88 -23.93
N GLU D 172 -25.25 -2.21 -24.44
CA GLU D 172 -26.43 -1.47 -24.03
C GLU D 172 -26.93 -1.82 -22.66
N ASN D 173 -26.58 -2.97 -22.12
CA ASN D 173 -27.06 -3.37 -20.83
C ASN D 173 -26.27 -2.78 -19.67
N ILE D 174 -24.99 -2.54 -19.85
CA ILE D 174 -24.14 -1.94 -18.82
C ILE D 174 -24.44 -0.44 -18.75
N TYR D 175 -24.83 0.02 -17.57
CA TYR D 175 -25.25 1.40 -17.42
C TYR D 175 -24.53 2.14 -16.31
N GLY D 176 -23.62 1.49 -15.58
CA GLY D 176 -22.88 2.18 -14.54
C GLY D 176 -22.03 1.23 -13.71
N VAL D 177 -21.51 1.77 -12.60
CA VAL D 177 -20.59 1.04 -11.73
C VAL D 177 -20.87 1.42 -10.28
N LYS D 178 -20.83 0.43 -9.39
CA LYS D 178 -20.79 0.68 -7.95
C LYS D 178 -19.33 0.74 -7.52
N GLU D 179 -18.90 1.89 -7.00
CA GLU D 179 -17.51 2.12 -6.65
C GLU D 179 -17.29 1.99 -5.13
N ALA D 180 -16.47 1.01 -4.71
CA ALA D 180 -16.04 0.80 -3.32
C ALA D 180 -14.53 0.76 -3.25
N SER D 181 -13.98 1.75 -3.90
CA SER D 181 -12.58 2.02 -4.07
C SER D 181 -12.00 2.92 -3.00
N GLY D 182 -12.82 3.76 -2.38
CA GLY D 182 -12.30 4.76 -1.45
C GLY D 182 -11.42 5.76 -2.15
N ASN D 183 -11.74 6.07 -3.39
CA ASN D 183 -10.86 6.85 -4.26
C ASN D 183 -11.78 7.77 -5.05
N ILE D 184 -12.04 8.95 -4.49
CA ILE D 184 -12.92 9.89 -5.16
C ILE D 184 -12.29 10.38 -6.46
N ASP D 185 -10.96 10.29 -6.59
CA ASP D 185 -10.31 10.66 -7.84
C ASP D 185 -10.81 9.81 -8.99
N LYS D 186 -11.00 8.52 -8.76
CA LYS D 186 -11.51 7.68 -9.84
C LYS D 186 -12.92 8.09 -10.22
N CYS D 187 -13.72 8.56 -9.26
CA CYS D 187 -15.09 8.96 -9.57
C CYS D 187 -15.10 10.27 -10.37
N VAL D 188 -14.18 11.18 -10.08
CA VAL D 188 -14.03 12.38 -10.91
C VAL D 188 -13.64 11.98 -12.33
N ASP D 189 -12.65 11.10 -12.44
CA ASP D 189 -12.18 10.60 -13.73
C ASP D 189 -13.33 9.99 -14.55
N LEU D 190 -14.13 9.15 -13.91
CA LEU D 190 -15.22 8.48 -14.60
C LEU D 190 -16.22 9.47 -15.17
N LEU D 191 -16.76 10.34 -14.31
CA LEU D 191 -17.85 11.21 -14.73
C LEU D 191 -17.38 12.39 -15.59
N ALA D 192 -16.11 12.78 -15.50
CA ALA D 192 -15.62 13.85 -16.37
C ALA D 192 -15.50 13.42 -17.82
N HIS D 193 -15.19 12.14 -18.06
CA HIS D 193 -15.05 11.62 -19.41
C HIS D 193 -16.29 10.91 -19.92
N GLU D 194 -17.18 10.46 -19.04
CA GLU D 194 -18.42 9.80 -19.43
C GLU D 194 -19.53 10.22 -18.46
N PRO D 195 -20.04 11.44 -18.62
CA PRO D 195 -21.04 11.96 -17.66
C PRO D 195 -22.40 11.30 -17.77
N ARG D 196 -22.60 10.36 -18.69
CA ARG D 196 -23.90 9.72 -18.83
C ARG D 196 -24.01 8.42 -18.04
N MET D 197 -22.93 7.94 -17.43
CA MET D 197 -23.04 6.69 -16.71
C MET D 197 -23.56 6.92 -15.29
N MET D 198 -24.12 5.87 -14.72
CA MET D 198 -24.67 5.92 -13.37
C MET D 198 -23.62 5.38 -12.42
N LEU D 199 -22.93 6.30 -11.74
CA LEU D 199 -21.97 5.95 -10.71
C LEU D 199 -22.68 5.79 -9.37
N ILE D 200 -22.49 4.62 -8.75
CA ILE D 200 -23.19 4.29 -7.50
C ILE D 200 -22.17 4.20 -6.38
N SER D 201 -22.45 4.88 -5.27
CA SER D 201 -21.52 4.84 -4.16
C SER D 201 -21.52 3.47 -3.50
N GLY D 202 -20.32 2.98 -3.21
CA GLY D 202 -20.21 1.72 -2.50
C GLY D 202 -19.48 1.85 -1.17
N GLU D 203 -19.44 3.06 -0.63
CA GLU D 203 -18.81 3.31 0.67
C GLU D 203 -19.66 4.34 1.41
N ASP D 204 -20.30 3.89 2.50
CA ASP D 204 -21.37 4.69 3.11
C ASP D 204 -20.83 6.00 3.67
N ALA D 205 -19.63 5.96 4.26
CA ALA D 205 -19.05 7.15 4.85
C ALA D 205 -18.88 8.27 3.81
N ILE D 206 -18.72 7.93 2.53
CA ILE D 206 -18.48 8.95 1.51
C ILE D 206 -19.63 8.96 0.51
N ASN D 207 -20.83 8.61 0.96
CA ASN D 207 -22.02 8.63 0.12
C ASN D 207 -22.27 10.01 -0.44
N TYR D 208 -22.28 11.02 0.42
CA TYR D 208 -22.59 12.37 -0.03
C TYR D 208 -21.57 12.91 -1.02
N PRO D 209 -20.26 12.83 -0.78
CA PRO D 209 -19.33 13.36 -1.79
C PRO D 209 -19.47 12.70 -3.16
N ILE D 210 -19.79 11.40 -3.21
CA ILE D 210 -19.95 10.77 -4.51
C ILE D 210 -21.22 11.28 -5.19
N LEU D 211 -22.30 11.46 -4.43
CA LEU D 211 -23.49 12.03 -5.03
C LEU D 211 -23.24 13.47 -5.49
N SER D 212 -22.49 14.25 -4.70
CA SER D 212 -22.25 15.65 -5.06
C SER D 212 -21.40 15.79 -6.31
N ASN D 213 -20.65 14.75 -6.70
CA ASN D 213 -19.92 14.81 -7.97
C ASN D 213 -20.75 14.26 -9.12
N GLY D 214 -22.03 13.97 -8.90
CA GLY D 214 -22.89 13.45 -9.96
C GLY D 214 -23.29 12.01 -9.80
N GLY D 215 -22.91 11.36 -8.70
CA GLY D 215 -23.40 10.01 -8.46
C GLY D 215 -24.91 9.99 -8.36
N LYS D 216 -25.49 8.87 -8.76
CA LYS D 216 -26.94 8.77 -8.89
C LYS D 216 -27.52 7.73 -7.94
N GLY D 217 -26.76 7.31 -6.94
CA GLY D 217 -27.33 6.39 -5.97
C GLY D 217 -26.26 5.79 -5.09
N VAL D 218 -26.75 5.05 -4.08
CA VAL D 218 -25.90 4.32 -3.15
C VAL D 218 -26.42 2.90 -3.03
N ILE D 219 -25.50 1.96 -2.83
CA ILE D 219 -25.84 0.60 -2.43
C ILE D 219 -25.23 0.44 -1.05
N SER D 220 -26.07 0.47 -0.03
CA SER D 220 -25.64 0.78 1.31
C SER D 220 -25.70 -0.44 2.22
N VAL D 221 -24.75 -0.52 3.15
CA VAL D 221 -24.81 -1.45 4.27
C VAL D 221 -25.57 -0.84 5.43
N THR D 222 -25.37 0.47 5.66
CA THR D 222 -25.97 1.18 6.79
C THR D 222 -27.49 1.20 6.72
N SER D 223 -28.07 1.21 5.52
CA SER D 223 -29.53 1.28 5.44
C SER D 223 -30.21 0.01 5.95
N ASN D 224 -29.49 -1.11 6.05
CA ASN D 224 -30.03 -2.27 6.76
C ASN D 224 -30.50 -1.83 8.15
N LEU D 225 -29.71 -1.00 8.80
CA LEU D 225 -30.03 -0.54 10.15
C LEU D 225 -30.84 0.75 10.14
N LEU D 226 -30.47 1.70 9.29
CA LEU D 226 -31.10 3.03 9.26
C LEU D 226 -31.59 3.34 7.86
N PRO D 227 -32.59 2.62 7.36
CA PRO D 227 -33.01 2.85 5.96
C PRO D 227 -33.58 4.24 5.73
N ASP D 228 -34.30 4.80 6.71
CA ASP D 228 -34.92 6.11 6.54
C ASP D 228 -33.88 7.19 6.34
N MET D 229 -32.73 7.06 6.99
CA MET D 229 -31.70 8.09 6.90
C MET D 229 -30.89 7.99 5.62
N ILE D 230 -30.55 6.76 5.20
CA ILE D 230 -29.86 6.59 3.92
C ILE D 230 -30.77 7.03 2.78
N SER D 231 -32.04 6.61 2.80
CA SER D 231 -32.95 7.00 1.75
C SER D 231 -33.12 8.52 1.72
N ALA D 232 -33.32 9.14 2.88
CA ALA D 232 -33.43 10.59 2.92
C ALA D 232 -32.13 11.24 2.44
N LEU D 233 -30.98 10.73 2.88
CA LEU D 233 -29.70 11.25 2.39
C LEU D 233 -29.66 11.24 0.87
N THR D 234 -29.98 10.09 0.26
CA THR D 234 -29.88 9.95 -1.19
C THR D 234 -30.84 10.90 -1.90
N HIS D 235 -32.08 10.99 -1.40
CA HIS D 235 -33.09 11.76 -2.10
C HIS D 235 -32.85 13.26 -1.98
N PHE D 236 -32.37 13.71 -0.82
CA PHE D 236 -31.96 15.10 -0.69
C PHE D 236 -30.90 15.46 -1.73
N ALA D 237 -29.91 14.57 -1.91
CA ALA D 237 -28.80 14.82 -2.81
C ALA D 237 -29.25 14.85 -4.27
N LEU D 238 -30.10 13.91 -4.67
CA LEU D 238 -30.58 13.87 -6.04
C LEU D 238 -31.44 15.08 -6.36
N ASP D 239 -32.11 15.64 -5.36
CA ASP D 239 -32.88 16.87 -5.53
C ASP D 239 -32.04 18.10 -5.27
N GLU D 240 -30.72 17.93 -5.14
CA GLU D 240 -29.76 19.03 -5.01
C GLU D 240 -30.00 19.87 -3.75
N ASN D 241 -30.58 19.26 -2.71
CA ASN D 241 -30.59 19.86 -1.37
C ASN D 241 -29.31 19.39 -0.68
N TYR D 242 -28.20 20.00 -1.07
CA TYR D 242 -26.90 19.43 -0.73
C TYR D 242 -26.55 19.62 0.73
N LYS D 243 -26.97 20.72 1.35
CA LYS D 243 -26.65 20.91 2.76
C LYS D 243 -27.39 19.92 3.66
N GLU D 244 -28.62 19.54 3.30
CA GLU D 244 -29.32 18.52 4.09
C GLU D 244 -28.69 17.15 3.88
N ALA D 245 -28.32 16.81 2.63
CA ALA D 245 -27.66 15.53 2.38
C ALA D 245 -26.33 15.43 3.12
N LYS D 246 -25.54 16.51 3.15
CA LYS D 246 -24.29 16.47 3.89
C LYS D 246 -24.54 16.34 5.39
N LYS D 247 -25.59 17.00 5.90
CA LYS D 247 -25.88 16.94 7.33
C LYS D 247 -26.17 15.52 7.78
N ILE D 248 -26.92 14.75 6.98
CA ILE D 248 -27.20 13.38 7.34
C ILE D 248 -25.95 12.52 7.20
N ASN D 249 -25.16 12.75 6.13
CA ASN D 249 -23.92 12.03 5.94
C ASN D 249 -22.96 12.23 7.12
N ASP D 250 -22.90 13.46 7.65
CA ASP D 250 -22.06 13.69 8.81
C ASP D 250 -22.60 12.97 10.04
N GLU D 251 -23.92 13.00 10.25
CA GLU D 251 -24.47 12.32 11.41
C GLU D 251 -24.17 10.83 11.35
N LEU D 252 -24.20 10.26 10.15
CA LEU D 252 -23.99 8.83 9.96
C LEU D 252 -22.53 8.40 10.05
N TYR D 253 -21.60 9.34 10.20
CA TYR D 253 -20.20 8.97 10.04
C TYR D 253 -19.77 7.92 11.07
N ASN D 254 -20.10 8.16 12.35
CA ASN D 254 -19.65 7.24 13.40
C ASN D 254 -20.20 5.84 13.15
N ILE D 255 -21.49 5.72 12.82
CA ILE D 255 -22.02 4.39 12.54
C ILE D 255 -21.48 3.86 11.21
N ASN D 256 -21.24 4.74 10.23
CA ASN D 256 -20.70 4.30 8.94
C ASN D 256 -19.33 3.67 9.10
N LYS D 257 -18.50 4.21 9.99
CA LYS D 257 -17.17 3.64 10.17
C LYS D 257 -17.21 2.41 11.05
N ILE D 258 -17.96 2.47 12.15
CA ILE D 258 -17.96 1.34 13.08
C ILE D 258 -18.49 0.08 12.41
N LEU D 259 -19.33 0.23 11.37
CA LEU D 259 -19.86 -0.93 10.68
C LEU D 259 -18.80 -1.66 9.88
N PHE D 260 -17.56 -1.20 9.95
CA PHE D 260 -16.47 -1.90 9.30
C PHE D 260 -15.28 -2.06 10.23
N CYS D 261 -15.52 -1.97 11.54
CA CYS D 261 -14.47 -2.31 12.50
C CYS D 261 -13.89 -3.69 12.21
N GLU D 262 -14.74 -4.66 11.82
CA GLU D 262 -14.31 -5.93 11.24
C GLU D 262 -14.97 -6.08 9.86
N SER D 263 -14.72 -7.20 9.19
CA SER D 263 -15.17 -7.33 7.80
C SER D 263 -16.68 -7.35 7.71
N ASN D 264 -17.22 -6.54 6.81
CA ASN D 264 -18.64 -6.62 6.48
C ASN D 264 -18.94 -8.00 5.88
N PRO D 265 -20.06 -8.63 6.25
CA PRO D 265 -21.17 -8.16 7.08
C PRO D 265 -21.14 -8.54 8.58
N ILE D 266 -19.97 -8.74 9.18
CA ILE D 266 -19.92 -9.06 10.61
C ILE D 266 -20.48 -7.92 11.46
N PRO D 267 -20.06 -6.67 11.30
CA PRO D 267 -20.62 -5.62 12.18
C PRO D 267 -22.10 -5.36 11.98
N ILE D 268 -22.58 -5.27 10.74
CA ILE D 268 -23.98 -4.91 10.53
C ILE D 268 -24.89 -6.02 11.05
N LYS D 269 -24.49 -7.28 10.87
CA LYS D 269 -25.28 -8.38 11.38
C LYS D 269 -25.33 -8.37 12.90
N THR D 270 -24.21 -8.00 13.54
CA THR D 270 -24.21 -7.78 14.98
C THR D 270 -25.16 -6.66 15.36
N ALA D 271 -25.17 -5.57 14.58
CA ALA D 271 -26.05 -4.47 14.92
C ALA D 271 -27.51 -4.88 14.77
N MET D 272 -27.85 -5.62 13.71
CA MET D 272 -29.23 -6.04 13.54
C MET D 272 -29.70 -6.88 14.71
N TYR D 273 -28.80 -7.70 15.28
CA TYR D 273 -29.19 -8.53 16.41
C TYR D 273 -29.39 -7.68 17.66
N LEU D 274 -28.47 -6.74 17.89
CA LEU D 274 -28.62 -5.81 19.01
C LEU D 274 -29.89 -4.98 18.89
N ALA D 275 -30.33 -4.66 17.67
CA ALA D 275 -31.55 -3.89 17.51
C ALA D 275 -32.81 -4.76 17.53
N GLY D 276 -32.69 -6.07 17.76
CA GLY D 276 -33.85 -6.94 17.75
C GLY D 276 -34.50 -7.15 16.40
N LEU D 277 -33.77 -6.89 15.30
CA LEU D 277 -34.35 -7.07 13.98
C LEU D 277 -34.11 -8.45 13.39
N ILE D 278 -33.14 -9.20 13.90
CA ILE D 278 -32.98 -10.60 13.54
C ILE D 278 -32.93 -11.38 14.83
N GLU D 279 -33.30 -12.64 14.78
CA GLU D 279 -33.48 -13.35 16.02
C GLU D 279 -32.29 -14.19 16.43
N SER D 280 -31.23 -14.23 15.63
CA SER D 280 -30.08 -15.02 15.97
C SER D 280 -28.87 -14.42 15.28
N LEU D 281 -27.72 -14.51 15.93
CA LEU D 281 -26.50 -13.91 15.39
C LEU D 281 -25.64 -15.05 14.86
N GLU D 282 -26.00 -15.51 13.66
CA GLU D 282 -25.38 -16.65 13.02
C GLU D 282 -24.71 -16.22 11.72
N PHE D 283 -23.49 -16.70 11.52
CA PHE D 283 -22.80 -16.59 10.24
C PHE D 283 -22.52 -17.98 9.73
N ARG D 284 -22.07 -18.07 8.49
CA ARG D 284 -21.51 -19.31 7.96
C ARG D 284 -20.00 -19.16 7.88
N LEU D 285 -19.29 -20.16 8.40
CA LEU D 285 -17.85 -20.12 8.38
C LEU D 285 -17.38 -19.95 6.93
N PRO D 286 -16.26 -19.25 6.69
CA PRO D 286 -15.30 -18.73 7.67
C PRO D 286 -15.69 -17.43 8.38
N LEU D 287 -16.92 -16.94 8.22
CA LEU D 287 -17.34 -15.78 9.00
C LEU D 287 -17.82 -16.20 10.38
N CYS D 288 -17.63 -15.32 11.35
CA CYS D 288 -18.00 -15.60 12.73
C CYS D 288 -18.31 -14.27 13.41
N SER D 289 -18.79 -14.35 14.65
CA SER D 289 -19.08 -13.15 15.43
C SER D 289 -17.81 -12.36 15.72
N PRO D 290 -17.92 -11.05 15.96
CA PRO D 290 -16.73 -10.23 16.19
C PRO D 290 -16.13 -10.46 17.58
N SER D 291 -14.94 -9.92 17.75
CA SER D 291 -14.30 -9.85 19.06
C SER D 291 -15.16 -9.08 20.06
N LYS D 292 -14.90 -9.32 21.34
CA LYS D 292 -15.68 -8.65 22.38
C LYS D 292 -15.45 -7.15 22.39
N GLU D 293 -14.26 -6.70 22.01
CA GLU D 293 -13.97 -5.27 22.04
C GLU D 293 -14.75 -4.53 20.96
N ASN D 294 -14.79 -5.07 19.74
CA ASN D 294 -15.57 -4.45 18.67
C ASN D 294 -17.06 -4.58 18.91
N PHE D 295 -17.50 -5.68 19.53
CA PHE D 295 -18.91 -5.83 19.91
C PHE D 295 -19.34 -4.67 20.80
N ALA D 296 -18.51 -4.33 21.80
CA ALA D 296 -18.82 -3.24 22.69
C ALA D 296 -18.79 -1.90 21.97
N LYS D 297 -17.84 -1.71 21.04
CA LYS D 297 -17.79 -0.44 20.33
C LYS D 297 -18.97 -0.28 19.37
N ILE D 298 -19.34 -1.35 18.68
CA ILE D 298 -20.53 -1.29 17.82
C ILE D 298 -21.75 -0.96 18.65
N GLU D 299 -21.96 -1.71 19.73
CA GLU D 299 -23.15 -1.52 20.55
C GLU D 299 -23.17 -0.17 21.25
N GLU D 300 -22.02 0.46 21.44
CA GLU D 300 -21.99 1.77 22.07
C GLU D 300 -22.21 2.88 21.06
N VAL D 301 -21.76 2.71 19.81
CA VAL D 301 -22.11 3.70 18.80
C VAL D 301 -23.60 3.65 18.44
N MET D 302 -24.19 2.48 18.45
CA MET D 302 -25.58 2.30 18.10
C MET D 302 -26.55 3.04 18.96
N LYS D 303 -26.11 3.34 20.17
CA LYS D 303 -26.93 4.00 21.15
C LYS D 303 -27.16 5.48 20.96
N LYS D 304 -26.51 6.09 19.99
CA LYS D 304 -26.68 7.48 19.71
C LYS D 304 -27.50 7.70 18.48
N TYR D 305 -28.14 6.67 17.95
CA TYR D 305 -28.99 6.81 16.79
C TYR D 305 -30.36 6.30 17.09
N LYS D 306 -31.34 6.70 16.31
CA LYS D 306 -32.71 6.22 16.48
C LYS D 306 -33.00 5.23 15.36
N ILE D 307 -33.37 4.02 15.75
CA ILE D 307 -33.45 2.87 14.85
C ILE D 307 -34.91 2.45 14.72
N LYS D 308 -35.39 2.41 13.49
CA LYS D 308 -36.77 2.05 13.24
C LYS D 308 -37.00 0.54 13.41
N GLY D 309 -38.17 0.20 13.93
CA GLY D 309 -38.59 -1.17 14.07
C GLY D 309 -39.30 -1.64 12.81
N PHE D 310 -40.13 -2.66 12.99
CA PHE D 310 -40.95 -3.19 11.90
C PHE D 310 -42.29 -2.45 11.79
MG MG E . 4.03 14.51 -6.83
MG MG F . 2.86 18.09 -4.02
C1 PGE G . 6.34 23.78 4.49
O1 PGE G . 5.10 23.92 3.84
C2 PGE G . 7.17 23.10 3.43
O2 PGE G . 8.52 23.17 3.82
C3 PGE G . 9.21 21.94 3.71
C4 PGE G . 10.67 22.30 3.61
C6 PGE G . 13.19 19.72 3.42
C5 PGE G . 12.68 21.15 3.39
O3 PGE G . 11.30 21.14 3.11
N01 3VN H . 19.59 18.01 8.76
C02 3VN H . 19.25 17.58 7.42
C03 3VN H . 18.91 16.06 7.40
O04 3VN H . 19.77 15.14 7.49
O05 3VN H . 17.70 15.70 7.30
C06 3VN H . 20.44 17.98 6.46
C07 3VN H . 21.83 17.54 7.02
C08 3VN H . 22.50 18.73 7.77
C09 3VN H . 23.70 18.21 8.59
N10 3VN H . 23.22 17.50 9.77
C11 3VN H . 17.99 18.39 6.98
C12 3VN H . 18.17 19.03 5.56
C13 3VN H . 17.81 20.54 5.65
N14 3VN H . 18.24 21.19 4.43
C15 3VN H . 18.50 21.17 6.87
C16 3VN H . 18.00 22.64 7.13
C17 3VN H . 19.18 23.62 7.19
C18 3VN H . 18.94 24.76 6.17
N19 3VN H . 17.52 25.08 6.09
C20 3VN H . 16.31 20.62 5.75
O21 3VN H . 15.70 20.56 6.86
O22 3VN H . 15.64 20.71 4.69
MG MG I . 40.72 4.15 11.43
C1 PGE J . 17.65 5.10 -15.19
O1 PGE J . 17.89 3.77 -14.75
C2 PGE J . 18.08 6.07 -14.11
O2 PGE J . 19.38 6.60 -14.39
C3 PGE J . 19.55 7.12 -15.69
C4 PGE J . 20.98 7.56 -15.89
O4 PGE J . 21.97 4.91 -19.31
C6 PGE J . 22.79 5.89 -18.68
C5 PGE J . 21.95 6.95 -17.98
O3 PGE J . 21.68 6.58 -16.65
C2 PEG K . 19.15 11.93 7.03
O2 PEG K . 20.56 11.75 7.07
C3 PEG K . 21.06 10.52 7.53
C4 PEG K . 22.42 10.19 6.91
O4 PEG K . 22.27 9.05 6.13
N01 3VN L . -15.35 -22.55 -8.03
C02 3VN L . -14.52 -21.75 -7.18
C03 3VN L . -13.79 -20.68 -7.99
O04 3VN L . -12.71 -20.22 -7.57
O05 3VN L . -14.30 -20.24 -9.06
C06 3VN L . -13.51 -22.67 -6.40
C07 3VN L . -14.28 -23.81 -5.67
C08 3VN L . -13.91 -25.17 -6.35
C09 3VN L . -12.47 -25.57 -5.94
N10 3VN L . -11.52 -25.17 -6.97
C11 3VN L . -15.37 -20.99 -6.14
C12 3VN L . -16.70 -20.57 -6.84
C13 3VN L . -17.80 -20.69 -5.74
N14 3VN L . -17.47 -21.74 -4.81
C15 3VN L . -19.09 -21.09 -6.45
C16 3VN L . -20.19 -21.30 -5.35
C17 3VN L . -21.33 -20.40 -5.83
C18 3VN L . -22.47 -20.44 -4.82
N19 3VN L . -22.56 -19.10 -4.26
C20 3VN L . -17.88 -19.37 -5.01
O21 3VN L . -17.67 -18.29 -5.63
O22 3VN L . -18.16 -19.34 -3.78
MG MG M . -5.90 -23.88 -3.55
MG MG N . 2.81 -42.31 -4.50
MG MG O . 0.27 -12.78 -10.30
MG MG P . -6.21 -32.68 13.09
C1 PGE Q . -7.19 -20.46 20.89
O1 PGE Q . -6.53 -19.40 21.56
C2 PGE Q . -8.13 -19.86 19.86
O2 PGE Q . -7.40 -19.48 18.71
C3 PGE Q . -8.00 -18.42 17.97
C4 PGE Q . -7.10 -17.95 16.86
O4 PGE Q . -3.86 -14.96 17.67
C6 PGE Q . -4.39 -16.27 17.51
C5 PGE Q . -5.51 -16.24 16.49
O3 PGE Q . -6.67 -16.66 17.17
MG MG R . -14.93 -4.74 4.92
MG MG S . -17.82 -4.23 1.60
C1 PGE T . -7.21 0.76 -23.21
O1 PGE T . -7.63 1.97 -23.83
C2 PGE T . -7.86 0.61 -21.85
O2 PGE T . -9.04 -0.17 -21.93
C3 PGE T . -8.83 -1.52 -22.30
C4 PGE T . -10.15 -2.21 -22.54
O4 PGE T . -11.30 -3.04 -26.61
C6 PGE T . -10.32 -2.97 -25.59
C5 PGE T . -10.82 -3.64 -24.32
O3 PGE T . -9.90 -3.39 -23.28
C1 PEG U . -22.20 -10.27 -5.87
O1 PEG U . -22.15 -9.50 -7.01
C2 PEG U . -20.86 -11.00 -5.82
O2 PEG U . -20.83 -12.11 -4.93
C3 PEG U . -20.33 -13.31 -5.48
C4 PEG U . -19.15 -13.80 -4.65
O4 PEG U . -19.29 -15.18 -4.48
C1 EDO V . -21.33 12.93 14.18
O1 EDO V . -20.70 13.36 15.37
C2 EDO V . -20.39 12.02 13.43
O2 EDO V . -21.05 10.80 13.14
#